data_6ZRZ
#
_entry.id   6ZRZ
#
_cell.length_a   44.658
_cell.length_b   70.147
_cell.length_c   91.082
_cell.angle_alpha   90.000
_cell.angle_beta   92.722
_cell.angle_gamma   90.000
#
_symmetry.space_group_name_H-M   'P 1 21 1'
#
loop_
_entity.id
_entity.type
_entity.pdbx_description
1 polymer 'DMATS type aromatic prenyltransferase'
2 non-polymer 'S-(3-methylbut-2-en-1-yl) trihydrogen thiodiphosphate'
3 non-polymer TRYPTOPHAN
4 water water
#
_entity_poly.entity_id   1
_entity_poly.type   'polypeptide(L)'
_entity_poly.pdbx_seq_one_letter_code
;MDASTLGSFTGGQLRRLGSVAGLSRADVETYAQVLTDALGPVAQRPLSLAPPTRTFLSDDHTPVEFSLSFRPGAAPAMRV
LVEPGCGATSLADNGRAGLEAVRTMARRWHFTTDALDELLDLFLPPAPQGPLALWCALELRPGGVPGVKVYLNPAVGGEE
RSAATVREALRRLGHHQAFDSLPQGSGYPFLALDLGNWTEPRAKVYLRHDNLTAGRAARLSRTDSGLVPTAVEGFFRTAA
GPGSDAGGLDGRPAQSCHSFTDPGAERPSGFTLYIPVRDYVRHDGEALARASTVLHHHGMDASVLHRALAALTERRPEDG
VGLIAYLALAGQRDQPPRVTAYLSSEAYTVRPPVVELVPR
;
_entity_poly.pdbx_strand_id   AAA,BBB
#
# COMPACT_ATOMS: atom_id res chain seq x y z
N ASP A 2 24.78 -25.09 -1.02
CA ASP A 2 24.24 -24.74 0.34
C ASP A 2 23.36 -23.47 0.28
N ALA A 3 23.47 -22.62 -0.75
CA ALA A 3 22.60 -21.41 -0.94
C ALA A 3 21.12 -21.81 -0.95
N SER A 4 20.29 -21.04 -0.26
CA SER A 4 18.84 -21.30 -0.18
C SER A 4 18.21 -21.14 -1.56
N THR A 5 17.27 -22.01 -1.88
CA THR A 5 16.43 -21.91 -3.08
C THR A 5 14.99 -21.73 -2.61
N LEU A 6 14.12 -21.38 -3.50
CA LEU A 6 12.67 -21.38 -3.18
C LEU A 6 12.25 -22.75 -2.67
N GLY A 7 12.73 -23.82 -3.30
CA GLY A 7 12.41 -25.20 -2.90
C GLY A 7 12.94 -25.53 -1.51
N SER A 8 14.20 -25.23 -1.23
CA SER A 8 14.83 -25.60 0.06
C SER A 8 14.20 -24.76 1.15
N PHE A 9 13.88 -23.52 0.85
CA PHE A 9 13.36 -22.57 1.85
C PHE A 9 11.90 -22.92 2.20
N THR A 10 11.03 -23.01 1.21
CA THR A 10 9.58 -23.33 1.44
C THR A 10 9.44 -24.78 1.92
N GLY A 11 10.33 -25.68 1.47
CA GLY A 11 10.35 -27.08 1.95
C GLY A 11 10.63 -27.14 3.42
N GLY A 12 11.65 -26.43 3.88
CA GLY A 12 11.99 -26.28 5.30
C GLY A 12 10.82 -25.73 6.10
N GLN A 13 10.11 -24.73 5.58
CA GLN A 13 8.93 -24.19 6.27
C GLN A 13 7.85 -25.28 6.34
N LEU A 14 7.61 -26.00 5.25
CA LEU A 14 6.56 -27.04 5.22
C LEU A 14 6.90 -28.10 6.28
N ARG A 15 8.15 -28.54 6.33
CA ARG A 15 8.62 -29.54 7.34
C ARG A 15 8.40 -29.01 8.78
N ARG A 16 8.87 -27.79 9.08
CA ARG A 16 8.80 -27.24 10.47
C ARG A 16 7.34 -26.95 10.84
N LEU A 17 6.57 -26.33 9.95
CA LEU A 17 5.13 -26.11 10.21
C LEU A 17 4.37 -27.47 10.27
N GLY A 18 4.75 -28.44 9.44
CA GLY A 18 4.15 -29.79 9.44
C GLY A 18 4.29 -30.47 10.80
N SER A 19 5.44 -30.32 11.42
CA SER A 19 5.74 -30.90 12.75
C SER A 19 4.92 -30.17 13.82
N VAL A 20 4.88 -28.83 13.75
CA VAL A 20 4.03 -27.98 14.62
C VAL A 20 2.59 -28.47 14.54
N ALA A 21 2.15 -28.90 13.35
CA ALA A 21 0.76 -29.31 13.07
C ALA A 21 0.50 -30.78 13.46
N GLY A 22 1.52 -31.53 13.83
CA GLY A 22 1.35 -32.91 14.33
C GLY A 22 1.45 -33.97 13.23
N LEU A 23 1.91 -33.61 12.05
CA LEU A 23 2.14 -34.59 10.97
C LEU A 23 3.39 -35.38 11.30
N SER A 24 3.37 -36.67 10.95
CA SER A 24 4.49 -37.64 11.10
C SER A 24 5.64 -37.25 10.18
N ARG A 25 6.86 -37.65 10.53
CA ARG A 25 8.06 -37.44 9.70
C ARG A 25 7.78 -38.02 8.30
N ALA A 26 7.07 -39.15 8.20
CA ALA A 26 6.72 -39.81 6.93
C ALA A 26 5.91 -38.84 6.05
N ASP A 27 4.78 -38.34 6.56
CA ASP A 27 3.83 -37.46 5.82
C ASP A 27 4.53 -36.14 5.49
N VAL A 28 5.36 -35.63 6.39
CA VAL A 28 6.17 -34.40 6.17
C VAL A 28 7.11 -34.60 4.98
N GLU A 29 7.81 -35.75 4.91
CA GLU A 29 8.70 -36.08 3.78
C GLU A 29 7.88 -36.12 2.50
N THR A 30 6.80 -36.89 2.48
CA THR A 30 5.90 -37.02 1.30
C THR A 30 5.51 -35.60 0.81
N TYR A 31 5.06 -34.74 1.71
CA TYR A 31 4.44 -33.46 1.34
C TYR A 31 5.51 -32.46 0.88
N ALA A 32 6.71 -32.49 1.46
CA ALA A 32 7.85 -31.65 1.01
C ALA A 32 8.21 -32.05 -0.44
N GLN A 33 8.21 -33.35 -0.75
CA GLN A 33 8.48 -33.82 -2.14
C GLN A 33 7.35 -33.31 -3.05
N VAL A 34 6.10 -33.34 -2.58
CA VAL A 34 4.92 -32.92 -3.40
C VAL A 34 5.07 -31.42 -3.70
N LEU A 35 5.48 -30.63 -2.72
CA LEU A 35 5.63 -29.16 -2.89
C LEU A 35 6.79 -28.87 -3.84
N THR A 36 7.95 -29.48 -3.66
CA THR A 36 9.10 -29.35 -4.59
C THR A 36 8.65 -29.66 -6.02
N ASP A 37 7.95 -30.77 -6.21
CA ASP A 37 7.50 -31.21 -7.56
C ASP A 37 6.51 -30.18 -8.12
N ALA A 38 5.58 -29.71 -7.30
CA ALA A 38 4.50 -28.76 -7.67
C ALA A 38 5.14 -27.44 -8.13
N LEU A 39 6.21 -27.05 -7.49
CA LEU A 39 6.88 -25.76 -7.81
C LEU A 39 7.53 -25.86 -9.17
N GLY A 40 7.87 -27.07 -9.60
CA GLY A 40 8.58 -27.31 -10.84
C GLY A 40 9.95 -26.62 -10.86
N PRO A 41 10.40 -26.11 -12.02
CA PRO A 41 11.76 -25.58 -12.17
C PRO A 41 12.12 -24.42 -11.22
N VAL A 42 11.12 -23.64 -10.80
CA VAL A 42 11.37 -22.48 -9.90
C VAL A 42 11.81 -22.99 -8.50
N ALA A 43 11.60 -24.26 -8.16
CA ALA A 43 12.08 -24.84 -6.87
C ALA A 43 13.59 -24.66 -6.74
N GLN A 44 14.30 -24.72 -7.87
CA GLN A 44 15.79 -24.66 -7.93
C GLN A 44 16.28 -23.21 -7.90
N ARG A 45 15.38 -22.23 -7.95
CA ARG A 45 15.75 -20.79 -8.04
C ARG A 45 16.38 -20.33 -6.75
N PRO A 46 17.64 -19.84 -6.78
CA PRO A 46 18.22 -19.23 -5.58
C PRO A 46 17.39 -18.02 -5.15
N LEU A 47 17.30 -17.82 -3.85
CA LEU A 47 16.55 -16.71 -3.22
C LEU A 47 17.31 -15.39 -3.41
N SER A 48 18.54 -15.44 -3.90
CA SER A 48 19.37 -14.24 -4.15
C SER A 48 18.99 -13.60 -5.48
N LEU A 49 18.21 -14.30 -6.31
CA LEU A 49 17.67 -13.75 -7.58
C LEU A 49 16.36 -13.03 -7.27
N ALA A 50 16.00 -12.06 -8.09
CA ALA A 50 14.70 -11.36 -8.01
C ALA A 50 13.62 -12.42 -8.01
N PRO A 51 12.49 -12.16 -7.34
CA PRO A 51 11.38 -13.09 -7.35
C PRO A 51 10.74 -13.13 -8.73
N PRO A 52 9.85 -14.11 -9.00
CA PRO A 52 8.91 -13.98 -10.13
C PRO A 52 7.88 -12.89 -9.78
N THR A 53 8.21 -11.65 -10.13
CA THR A 53 7.39 -10.43 -9.81
C THR A 53 6.01 -10.53 -10.45
N ARG A 54 5.77 -11.55 -11.31
CA ARG A 54 4.50 -11.72 -12.09
C ARG A 54 3.60 -12.76 -11.40
N THR A 55 4.01 -13.24 -10.23
CA THR A 55 3.18 -14.03 -9.27
C THR A 55 2.62 -13.10 -8.20
N PHE A 56 1.27 -13.14 -8.01
N PHE A 56 1.31 -13.10 -7.99
CA PHE A 56 0.36 -12.33 -7.12
CA PHE A 56 0.60 -12.28 -6.99
C PHE A 56 -0.02 -13.10 -5.84
C PHE A 56 -0.12 -13.17 -5.98
N LEU A 57 0.43 -14.34 -5.72
CA LEU A 57 -0.09 -15.27 -4.71
C LEU A 57 0.16 -14.71 -3.31
N SER A 58 1.24 -13.98 -3.13
CA SER A 58 1.64 -13.37 -1.85
C SER A 58 2.18 -11.97 -2.11
N ASP A 59 2.22 -11.14 -1.08
CA ASP A 59 2.65 -9.73 -1.21
C ASP A 59 4.09 -9.66 -1.70
N ASP A 60 4.99 -10.53 -1.23
CA ASP A 60 6.41 -10.44 -1.65
C ASP A 60 6.70 -11.35 -2.86
N HIS A 61 5.67 -11.87 -3.49
CA HIS A 61 5.73 -12.66 -4.74
C HIS A 61 6.38 -14.01 -4.48
N THR A 62 6.37 -14.51 -3.25
CA THR A 62 6.64 -15.95 -3.02
C THR A 62 5.50 -16.75 -3.58
N PRO A 63 5.72 -17.80 -4.41
CA PRO A 63 4.61 -18.56 -4.99
C PRO A 63 4.06 -19.69 -4.10
N VAL A 64 4.20 -19.49 -2.80
CA VAL A 64 3.76 -20.42 -1.75
C VAL A 64 3.15 -19.58 -0.63
N GLU A 65 2.04 -20.07 -0.11
CA GLU A 65 1.46 -19.59 1.17
C GLU A 65 0.97 -20.78 1.97
N PHE A 66 1.03 -20.70 3.29
CA PHE A 66 0.56 -21.78 4.17
C PHE A 66 -0.70 -21.36 4.87
N SER A 67 -1.40 -22.30 5.41
CA SER A 67 -2.56 -21.99 6.26
C SER A 67 -2.77 -23.10 7.28
N LEU A 68 -3.27 -22.70 8.44
CA LEU A 68 -3.73 -23.63 9.49
C LEU A 68 -5.17 -23.34 9.75
N SER A 69 -5.99 -24.35 9.61
CA SER A 69 -7.43 -24.30 9.86
C SER A 69 -7.73 -25.01 11.18
N PHE A 70 -8.41 -24.33 12.07
CA PHE A 70 -8.75 -24.81 13.43
C PHE A 70 -10.26 -25.06 13.51
N ARG A 71 -10.64 -26.28 13.86
CA ARG A 71 -12.03 -26.72 14.11
C ARG A 71 -12.09 -27.18 15.56
N PRO A 72 -13.15 -26.84 16.35
CA PRO A 72 -13.22 -27.24 17.74
C PRO A 72 -13.15 -28.78 17.85
N GLY A 73 -12.29 -29.28 18.72
CA GLY A 73 -12.12 -30.72 18.98
C GLY A 73 -11.28 -31.44 17.91
N ALA A 74 -10.90 -30.78 16.83
CA ALA A 74 -10.14 -31.40 15.71
C ALA A 74 -8.66 -31.03 15.81
N ALA A 75 -7.79 -31.87 15.27
CA ALA A 75 -6.37 -31.54 15.05
C ALA A 75 -6.33 -30.31 14.11
N PRO A 76 -5.39 -29.38 14.28
CA PRO A 76 -5.23 -28.30 13.32
C PRO A 76 -4.94 -28.93 11.96
N ALA A 77 -5.54 -28.41 10.88
CA ALA A 77 -5.34 -28.88 9.48
C ALA A 77 -4.43 -27.90 8.75
N MET A 78 -3.34 -28.43 8.19
CA MET A 78 -2.33 -27.63 7.46
C MET A 78 -2.61 -27.71 5.97
N ARG A 79 -2.52 -26.57 5.29
CA ARG A 79 -2.68 -26.51 3.84
C ARG A 79 -1.53 -25.69 3.27
N VAL A 80 -1.17 -25.98 2.03
CA VAL A 80 -0.19 -25.16 1.29
C VAL A 80 -0.82 -24.76 -0.05
N LEU A 81 -0.69 -23.50 -0.39
CA LEU A 81 -1.16 -22.89 -1.64
C LEU A 81 0.05 -22.62 -2.52
N VAL A 82 0.01 -23.05 -3.77
CA VAL A 82 1.17 -22.92 -4.67
C VAL A 82 0.69 -22.51 -6.06
N GLU A 83 1.53 -21.84 -6.79
CA GLU A 83 1.32 -21.52 -8.19
C GLU A 83 2.31 -22.36 -9.01
N PRO A 84 1.91 -23.51 -9.54
CA PRO A 84 2.86 -24.43 -10.20
C PRO A 84 3.51 -23.84 -11.46
N GLY A 85 2.84 -22.89 -12.10
CA GLY A 85 3.31 -22.27 -13.36
C GLY A 85 4.18 -21.07 -13.15
N CYS A 86 4.50 -20.77 -11.91
N CYS A 86 4.48 -20.71 -11.90
CA CYS A 86 5.36 -19.65 -11.53
CA CYS A 86 5.28 -19.51 -11.57
C CYS A 86 6.68 -19.72 -12.32
C CYS A 86 6.68 -19.66 -12.18
N GLY A 87 7.11 -18.61 -12.87
CA GLY A 87 8.37 -18.58 -13.64
C GLY A 87 8.15 -18.94 -15.10
N ALA A 88 6.93 -19.24 -15.53
CA ALA A 88 6.57 -19.29 -16.95
C ALA A 88 6.72 -17.89 -17.53
N THR A 89 7.08 -17.82 -18.81
CA THR A 89 7.37 -16.55 -19.54
C THR A 89 6.09 -15.81 -19.87
N SER A 90 4.94 -16.48 -19.81
CA SER A 90 3.62 -15.88 -20.13
C SER A 90 2.56 -16.45 -19.20
N LEU A 91 1.48 -15.73 -19.02
CA LEU A 91 0.34 -16.19 -18.22
C LEU A 91 -0.29 -17.43 -18.86
N ALA A 92 -0.33 -17.51 -20.18
CA ALA A 92 -0.88 -18.69 -20.88
C ALA A 92 -0.01 -19.92 -20.52
N ASP A 93 1.30 -19.76 -20.54
CA ASP A 93 2.22 -20.88 -20.23
C ASP A 93 2.15 -21.19 -18.73
N ASN A 94 1.95 -20.18 -17.89
CA ASN A 94 1.77 -20.34 -16.43
C ASN A 94 0.56 -21.25 -16.21
N GLY A 95 -0.56 -20.96 -16.84
CA GLY A 95 -1.75 -21.80 -16.74
C GLY A 95 -1.49 -23.22 -17.24
N ARG A 96 -0.85 -23.37 -18.40
CA ARG A 96 -0.54 -24.71 -18.99
C ARG A 96 0.31 -25.53 -18.00
N ALA A 97 1.34 -24.92 -17.38
CA ALA A 97 2.21 -25.58 -16.38
C ALA A 97 1.40 -25.91 -15.14
N GLY A 98 0.53 -25.01 -14.69
CA GLY A 98 -0.40 -25.26 -13.56
C GLY A 98 -1.26 -26.47 -13.84
N LEU A 99 -1.88 -26.51 -15.02
CA LEU A 99 -2.74 -27.65 -15.38
C LEU A 99 -1.88 -28.93 -15.47
N GLU A 100 -0.68 -28.86 -16.02
CA GLU A 100 0.19 -30.07 -16.10
C GLU A 100 0.45 -30.63 -14.69
N ALA A 101 0.73 -29.75 -13.73
CA ALA A 101 1.01 -30.12 -12.33
C ALA A 101 -0.21 -30.82 -11.71
N VAL A 102 -1.41 -30.30 -11.91
CA VAL A 102 -2.66 -30.87 -11.38
C VAL A 102 -2.90 -32.26 -12.01
N ARG A 103 -2.68 -32.40 -13.30
CA ARG A 103 -2.87 -33.69 -14.01
C ARG A 103 -1.86 -34.70 -13.47
N THR A 104 -0.65 -34.27 -13.17
CA THR A 104 0.37 -35.15 -12.57
C THR A 104 -0.09 -35.58 -11.17
N MET A 105 -0.66 -34.67 -10.37
CA MET A 105 -1.22 -35.04 -9.05
C MET A 105 -2.36 -36.04 -9.22
N ALA A 106 -3.21 -35.84 -10.23
CA ALA A 106 -4.36 -36.73 -10.55
C ALA A 106 -3.84 -38.12 -10.93
N ARG A 107 -2.74 -38.21 -11.66
CA ARG A 107 -2.16 -39.51 -12.05
C ARG A 107 -1.62 -40.22 -10.80
N ARG A 108 -1.16 -39.46 -9.81
CA ARG A 108 -0.54 -40.00 -8.59
C ARG A 108 -1.61 -40.54 -7.62
N TRP A 109 -2.69 -39.79 -7.40
CA TRP A 109 -3.71 -40.06 -6.35
C TRP A 109 -5.06 -40.46 -6.94
N HIS A 110 -5.24 -40.32 -8.24
CA HIS A 110 -6.43 -40.78 -9.00
C HIS A 110 -7.71 -40.13 -8.51
N PHE A 111 -7.66 -38.90 -8.03
CA PHE A 111 -8.87 -38.06 -7.84
C PHE A 111 -9.44 -37.75 -9.24
N THR A 112 -10.73 -37.39 -9.30
CA THR A 112 -11.45 -37.05 -10.56
C THR A 112 -11.08 -35.62 -10.96
N THR A 113 -10.92 -35.40 -12.26
CA THR A 113 -10.66 -34.08 -12.87
C THR A 113 -11.75 -33.72 -13.89
N ASP A 114 -12.88 -34.47 -13.90
CA ASP A 114 -14.03 -34.22 -14.82
C ASP A 114 -14.55 -32.78 -14.62
N ALA A 115 -14.76 -32.41 -13.36
CA ALA A 115 -15.30 -31.09 -12.95
C ALA A 115 -14.36 -29.98 -13.47
N LEU A 116 -13.05 -30.16 -13.31
CA LEU A 116 -12.05 -29.20 -13.81
C LEU A 116 -12.12 -29.15 -15.34
N ASP A 117 -12.20 -30.30 -16.00
CA ASP A 117 -12.17 -30.41 -17.47
C ASP A 117 -13.35 -29.64 -18.06
N GLU A 118 -14.51 -29.70 -17.41
CA GLU A 118 -15.74 -28.96 -17.79
C GLU A 118 -15.49 -27.46 -17.88
N LEU A 119 -14.49 -26.91 -17.15
CA LEU A 119 -14.28 -25.44 -16.97
C LEU A 119 -13.09 -24.90 -17.76
N LEU A 120 -12.25 -25.73 -18.39
CA LEU A 120 -10.89 -25.28 -18.82
C LEU A 120 -10.95 -24.21 -19.92
N ASP A 121 -11.93 -24.31 -20.83
CA ASP A 121 -12.06 -23.34 -21.96
C ASP A 121 -12.45 -21.95 -21.41
N LEU A 122 -13.17 -21.88 -20.31
CA LEU A 122 -13.54 -20.60 -19.66
C LEU A 122 -12.31 -19.98 -18.99
N PHE A 123 -11.47 -20.79 -18.31
CA PHE A 123 -10.45 -20.27 -17.37
C PHE A 123 -9.02 -20.31 -17.97
N LEU A 124 -8.75 -21.10 -18.99
CA LEU A 124 -7.41 -21.09 -19.65
C LEU A 124 -7.59 -20.78 -21.14
N PRO A 125 -8.11 -19.58 -21.51
CA PRO A 125 -8.12 -19.16 -22.90
C PRO A 125 -6.72 -18.75 -23.36
N PRO A 126 -6.50 -18.51 -24.66
CA PRO A 126 -5.31 -17.81 -25.11
C PRO A 126 -5.41 -16.33 -24.71
N ALA A 127 -4.27 -15.66 -24.62
CA ALA A 127 -4.19 -14.25 -24.21
C ALA A 127 -5.00 -14.04 -22.91
N PRO A 128 -4.77 -14.85 -21.86
CA PRO A 128 -5.46 -14.64 -20.57
C PRO A 128 -5.05 -13.32 -19.94
N GLN A 129 -5.91 -12.75 -19.11
CA GLN A 129 -5.61 -11.57 -18.27
C GLN A 129 -5.40 -12.00 -16.82
N GLY A 130 -4.57 -11.23 -16.11
CA GLY A 130 -4.12 -11.48 -14.73
C GLY A 130 -5.30 -11.44 -13.78
N PRO A 131 -5.07 -11.59 -12.46
CA PRO A 131 -3.71 -11.73 -11.92
C PRO A 131 -3.18 -13.16 -11.70
N LEU A 132 -3.92 -14.16 -12.09
CA LEU A 132 -3.49 -15.57 -11.99
C LEU A 132 -4.15 -16.37 -13.11
N ALA A 133 -3.61 -17.56 -13.36
CA ALA A 133 -4.17 -18.56 -14.29
C ALA A 133 -4.63 -19.76 -13.48
N LEU A 134 -3.79 -20.28 -12.60
CA LEU A 134 -4.12 -21.53 -11.85
C LEU A 134 -3.25 -21.64 -10.60
N TRP A 135 -3.89 -21.71 -9.45
CA TRP A 135 -3.25 -22.05 -8.18
C TRP A 135 -3.80 -23.39 -7.73
N CYS A 136 -3.04 -24.08 -6.92
CA CYS A 136 -3.43 -25.37 -6.32
CA CYS A 136 -3.50 -25.34 -6.30
C CYS A 136 -3.21 -25.29 -4.80
N ALA A 137 -4.20 -25.68 -4.02
CA ALA A 137 -4.02 -25.82 -2.57
C ALA A 137 -4.09 -27.31 -2.21
N LEU A 138 -3.14 -27.75 -1.41
CA LEU A 138 -3.06 -29.15 -0.89
C LEU A 138 -3.36 -29.13 0.60
N GLU A 139 -4.38 -29.86 1.02
CA GLU A 139 -4.63 -30.17 2.44
C GLU A 139 -3.70 -31.33 2.84
N LEU A 140 -2.76 -31.07 3.73
CA LEU A 140 -1.71 -32.04 4.12
C LEU A 140 -2.27 -32.99 5.18
N ARG A 141 -3.15 -33.87 4.71
CA ARG A 141 -3.89 -34.88 5.49
C ARG A 141 -2.96 -35.98 5.96
N PRO A 142 -3.08 -36.44 7.22
CA PRO A 142 -2.29 -37.58 7.68
C PRO A 142 -2.56 -38.77 6.75
N GLY A 143 -1.54 -39.57 6.45
CA GLY A 143 -1.63 -40.72 5.53
C GLY A 143 -1.04 -40.44 4.17
N GLY A 144 -0.75 -39.15 3.85
CA GLY A 144 0.02 -38.75 2.65
C GLY A 144 -0.80 -38.61 1.38
N VAL A 145 -2.11 -38.80 1.43
CA VAL A 145 -3.01 -38.53 0.26
C VAL A 145 -3.70 -37.20 0.55
N PRO A 146 -3.33 -36.12 -0.16
CA PRO A 146 -3.86 -34.81 0.19
C PRO A 146 -5.24 -34.61 -0.39
N GLY A 147 -5.96 -33.63 0.13
CA GLY A 147 -7.11 -33.04 -0.58
C GLY A 147 -6.57 -32.00 -1.53
N VAL A 148 -7.13 -31.92 -2.69
CA VAL A 148 -6.60 -31.02 -3.74
C VAL A 148 -7.71 -30.05 -4.12
N LYS A 149 -7.36 -28.77 -4.19
N LYS A 149 -7.40 -28.75 -4.16
CA LYS A 149 -8.23 -27.66 -4.56
CA LYS A 149 -8.32 -27.66 -4.57
C LYS A 149 -7.55 -26.94 -5.72
C LYS A 149 -7.60 -26.85 -5.66
N VAL A 150 -8.30 -26.53 -6.73
CA VAL A 150 -7.76 -25.70 -7.83
C VAL A 150 -8.49 -24.36 -7.85
N TYR A 151 -7.73 -23.27 -7.94
CA TYR A 151 -8.23 -21.88 -8.00
C TYR A 151 -8.02 -21.33 -9.40
N LEU A 152 -9.08 -20.77 -9.96
CA LEU A 152 -9.06 -20.20 -11.33
C LEU A 152 -9.57 -18.76 -11.27
N ASN A 153 -9.37 -18.05 -12.37
CA ASN A 153 -9.51 -16.57 -12.47
C ASN A 153 -10.74 -16.20 -13.30
N PRO A 154 -11.88 -15.82 -12.65
CA PRO A 154 -13.06 -15.38 -13.40
C PRO A 154 -12.82 -14.15 -14.29
N ALA A 155 -11.78 -13.36 -14.01
CA ALA A 155 -11.48 -12.12 -14.76
C ALA A 155 -10.50 -12.42 -15.90
N VAL A 156 -10.33 -13.67 -16.27
CA VAL A 156 -9.31 -14.10 -17.26
C VAL A 156 -9.60 -13.43 -18.63
N GLY A 157 -10.87 -13.18 -18.94
CA GLY A 157 -11.30 -12.49 -20.17
C GLY A 157 -11.62 -11.02 -19.95
N GLY A 158 -11.20 -10.44 -18.82
CA GLY A 158 -11.53 -9.08 -18.39
C GLY A 158 -12.52 -9.07 -17.24
N GLU A 159 -12.47 -8.05 -16.41
CA GLU A 159 -13.38 -7.90 -15.23
C GLU A 159 -14.84 -7.90 -15.69
N GLU A 160 -15.16 -7.30 -16.84
CA GLU A 160 -16.58 -7.11 -17.30
C GLU A 160 -17.18 -8.50 -17.57
N ARG A 161 -16.35 -9.49 -17.90
CA ARG A 161 -16.79 -10.86 -18.26
C ARG A 161 -16.80 -11.77 -17.00
N SER A 162 -16.35 -11.27 -15.84
CA SER A 162 -16.23 -12.04 -14.57
C SER A 162 -17.57 -12.68 -14.19
N ALA A 163 -18.66 -11.88 -14.03
CA ALA A 163 -20.00 -12.37 -13.59
C ALA A 163 -20.51 -13.49 -14.50
N ALA A 164 -20.45 -13.28 -15.82
CA ALA A 164 -20.91 -14.25 -16.84
C ALA A 164 -20.07 -15.53 -16.74
N THR A 165 -18.77 -15.40 -16.46
CA THR A 165 -17.86 -16.57 -16.37
C THR A 165 -18.27 -17.40 -15.16
N VAL A 166 -18.54 -16.77 -14.00
CA VAL A 166 -18.91 -17.48 -12.76
C VAL A 166 -20.29 -18.14 -12.98
N ARG A 167 -21.23 -17.41 -13.57
CA ARG A 167 -22.58 -17.93 -13.85
C ARG A 167 -22.46 -19.23 -14.70
N GLU A 168 -21.73 -19.18 -15.81
CA GLU A 168 -21.53 -20.33 -16.75
C GLU A 168 -20.79 -21.47 -16.02
N ALA A 169 -19.70 -21.18 -15.29
CA ALA A 169 -18.98 -22.19 -14.47
C ALA A 169 -19.96 -22.91 -13.52
N LEU A 170 -20.79 -22.14 -12.80
CA LEU A 170 -21.74 -22.74 -11.83
C LEU A 170 -22.76 -23.62 -12.56
N ARG A 171 -23.19 -23.21 -13.76
CA ARG A 171 -24.17 -23.99 -14.57
C ARG A 171 -23.55 -25.33 -14.99
N ARG A 172 -22.31 -25.29 -15.48
CA ARG A 172 -21.62 -26.48 -16.04
C ARG A 172 -21.33 -27.49 -14.92
N LEU A 173 -21.24 -27.03 -13.68
CA LEU A 173 -21.00 -27.89 -12.48
C LEU A 173 -22.32 -28.38 -11.88
N GLY A 174 -23.47 -28.15 -12.55
CA GLY A 174 -24.75 -28.76 -12.18
C GLY A 174 -25.49 -27.98 -11.09
N HIS A 175 -25.16 -26.71 -10.89
CA HIS A 175 -25.76 -25.81 -9.88
C HIS A 175 -26.65 -24.75 -10.55
N HIS A 176 -27.02 -24.97 -11.82
CA HIS A 176 -28.10 -24.21 -12.53
C HIS A 176 -27.83 -22.70 -12.39
N GLN A 177 -28.79 -21.90 -11.89
CA GLN A 177 -28.63 -20.42 -11.79
C GLN A 177 -28.22 -20.04 -10.34
N ALA A 178 -27.40 -20.87 -9.70
CA ALA A 178 -26.75 -20.61 -8.39
C ALA A 178 -26.20 -19.17 -8.33
N PHE A 179 -25.72 -18.62 -9.43
CA PHE A 179 -25.10 -17.26 -9.47
C PHE A 179 -26.00 -16.25 -8.73
N ASP A 180 -27.31 -16.33 -8.93
CA ASP A 180 -28.32 -15.35 -8.42
C ASP A 180 -28.49 -15.48 -6.89
N SER A 181 -28.05 -16.57 -6.28
CA SER A 181 -27.98 -16.78 -4.81
C SER A 181 -26.92 -15.89 -4.15
N LEU A 182 -25.88 -15.47 -4.87
CA LEU A 182 -24.71 -14.77 -4.29
C LEU A 182 -25.08 -13.33 -3.93
N PRO A 183 -24.55 -12.76 -2.83
CA PRO A 183 -24.76 -11.35 -2.54
C PRO A 183 -24.03 -10.47 -3.56
N GLN A 184 -24.32 -9.16 -3.53
CA GLN A 184 -23.61 -8.11 -4.29
C GLN A 184 -22.13 -8.14 -3.86
N GLY A 185 -21.22 -8.01 -4.80
CA GLY A 185 -19.77 -7.89 -4.53
C GLY A 185 -19.17 -6.84 -5.42
N SER A 186 -17.90 -6.50 -5.20
CA SER A 186 -17.12 -5.55 -6.04
C SER A 186 -16.40 -6.28 -7.17
N GLY A 187 -16.39 -7.60 -7.16
CA GLY A 187 -15.65 -8.42 -8.14
C GLY A 187 -15.59 -9.88 -7.70
N TYR A 188 -15.05 -10.73 -8.56
CA TYR A 188 -15.07 -12.21 -8.45
C TYR A 188 -13.66 -12.70 -8.60
N PRO A 189 -12.83 -12.60 -7.55
CA PRO A 189 -11.40 -12.84 -7.68
C PRO A 189 -11.03 -14.29 -8.02
N PHE A 190 -11.81 -15.27 -7.55
CA PHE A 190 -11.51 -16.71 -7.71
C PHE A 190 -12.76 -17.51 -7.87
N LEU A 191 -12.64 -18.58 -8.66
CA LEU A 191 -13.53 -19.75 -8.58
C LEU A 191 -12.64 -20.97 -8.28
N ALA A 192 -13.00 -21.74 -7.27
CA ALA A 192 -12.19 -22.89 -6.80
C ALA A 192 -13.03 -24.16 -6.86
N LEU A 193 -12.40 -25.29 -7.15
CA LEU A 193 -13.02 -26.65 -7.10
C LEU A 193 -12.26 -27.49 -6.11
N ASP A 194 -12.95 -28.14 -5.17
CA ASP A 194 -12.40 -29.30 -4.42
C ASP A 194 -12.30 -30.49 -5.38
N LEU A 195 -11.16 -31.14 -5.41
CA LEU A 195 -10.94 -32.35 -6.26
C LEU A 195 -10.58 -33.52 -5.35
N GLY A 196 -11.37 -34.57 -5.42
CA GLY A 196 -11.17 -35.82 -4.67
C GLY A 196 -11.89 -36.97 -5.33
N ASN A 197 -12.30 -37.96 -4.53
CA ASN A 197 -13.04 -39.16 -4.98
C ASN A 197 -14.49 -38.77 -5.32
N GLU A 200 -19.23 -35.31 -7.87
CA GLU A 200 -19.87 -34.48 -6.81
C GLU A 200 -18.90 -33.37 -6.38
N PRO A 201 -18.57 -32.40 -7.27
CA PRO A 201 -17.59 -31.37 -6.94
C PRO A 201 -18.14 -30.33 -5.92
N ARG A 202 -17.29 -29.87 -5.01
CA ARG A 202 -17.53 -28.67 -4.16
C ARG A 202 -17.00 -27.45 -4.93
N ALA A 203 -17.90 -26.58 -5.36
CA ALA A 203 -17.61 -25.34 -6.11
C ALA A 203 -17.62 -24.16 -5.15
N LYS A 204 -16.59 -23.32 -5.20
CA LYS A 204 -16.40 -22.18 -4.30
C LYS A 204 -16.29 -20.92 -5.16
N VAL A 205 -17.20 -19.98 -4.92
CA VAL A 205 -17.20 -18.65 -5.58
C VAL A 205 -16.71 -17.65 -4.55
N TYR A 206 -15.67 -16.89 -4.89
CA TYR A 206 -15.12 -15.82 -4.05
C TYR A 206 -15.59 -14.47 -4.58
N LEU A 207 -16.01 -13.61 -3.67
CA LEU A 207 -16.41 -12.20 -3.96
C LEU A 207 -15.43 -11.28 -3.29
N ARG A 208 -15.10 -10.19 -3.91
CA ARG A 208 -14.34 -9.12 -3.28
C ARG A 208 -15.36 -8.12 -2.70
N HIS A 209 -15.06 -7.52 -1.56
CA HIS A 209 -15.96 -6.54 -0.90
C HIS A 209 -15.16 -5.30 -0.55
N ASP A 210 -15.23 -4.26 -1.35
CA ASP A 210 -14.50 -3.01 -1.06
C ASP A 210 -15.21 -2.28 0.07
N ASN A 211 -14.45 -1.77 1.04
CA ASN A 211 -14.98 -0.92 2.16
C ASN A 211 -16.11 -1.69 2.86
N LEU A 212 -15.87 -2.93 3.22
CA LEU A 212 -16.88 -3.74 3.93
C LEU A 212 -17.06 -3.21 5.36
N THR A 213 -18.31 -3.14 5.79
CA THR A 213 -18.67 -2.82 7.19
C THR A 213 -19.10 -4.09 7.90
N ALA A 214 -19.04 -4.05 9.22
CA ALA A 214 -19.50 -5.12 10.11
C ALA A 214 -20.95 -5.48 9.77
N GLY A 215 -21.80 -4.48 9.56
CA GLY A 215 -23.23 -4.69 9.24
C GLY A 215 -23.41 -5.35 7.91
N ARG A 216 -22.69 -4.89 6.88
CA ARG A 216 -22.80 -5.49 5.53
C ARG A 216 -22.24 -6.94 5.60
N ALA A 217 -21.13 -7.15 6.32
CA ALA A 217 -20.53 -8.49 6.52
C ALA A 217 -21.57 -9.47 7.07
N ALA A 218 -22.28 -9.07 8.12
CA ALA A 218 -23.33 -9.88 8.80
C ALA A 218 -24.46 -10.27 7.84
N ARG A 219 -24.65 -9.55 6.73
CA ARG A 219 -25.78 -9.79 5.77
C ARG A 219 -25.33 -10.56 4.51
N LEU A 220 -24.07 -10.97 4.39
CA LEU A 220 -23.55 -11.70 3.20
C LEU A 220 -24.00 -13.17 3.21
N SER A 221 -24.26 -13.73 4.38
CA SER A 221 -24.57 -15.17 4.58
C SER A 221 -25.98 -15.33 5.13
N ARG A 222 -26.53 -16.53 5.05
CA ARG A 222 -27.88 -16.89 5.54
C ARG A 222 -27.72 -17.97 6.61
N THR A 223 -28.82 -18.35 7.25
CA THR A 223 -28.85 -19.39 8.30
C THR A 223 -28.25 -20.68 7.74
N ASP A 224 -28.60 -21.03 6.50
CA ASP A 224 -28.31 -22.34 5.86
C ASP A 224 -26.84 -22.42 5.38
N SER A 225 -25.93 -21.58 5.90
CA SER A 225 -24.51 -21.50 5.42
C SER A 225 -23.51 -21.61 6.59
N GLY A 226 -23.97 -21.63 7.85
CA GLY A 226 -23.20 -22.12 9.01
C GLY A 226 -22.78 -21.05 10.00
N LEU A 227 -22.94 -19.76 9.67
CA LEU A 227 -22.57 -18.66 10.60
C LEU A 227 -23.80 -17.84 10.92
N VAL A 228 -23.83 -17.24 12.11
CA VAL A 228 -24.92 -16.34 12.55
C VAL A 228 -24.37 -14.91 12.58
N PRO A 229 -25.23 -13.92 12.27
CA PRO A 229 -24.83 -12.51 12.18
C PRO A 229 -23.91 -11.95 13.28
N THR A 230 -24.20 -12.22 14.55
CA THR A 230 -23.41 -11.70 15.69
C THR A 230 -21.99 -12.31 15.67
N ALA A 231 -21.82 -13.55 15.22
CA ALA A 231 -20.50 -14.24 15.14
C ALA A 231 -19.68 -13.58 14.03
N VAL A 232 -20.34 -13.26 12.93
CA VAL A 232 -19.70 -12.57 11.78
C VAL A 232 -19.27 -11.18 12.22
N GLU A 233 -20.15 -10.41 12.89
CA GLU A 233 -19.79 -9.02 13.32
C GLU A 233 -18.67 -9.06 14.37
N GLY A 234 -18.69 -10.03 15.26
CA GLY A 234 -17.68 -10.14 16.32
C GLY A 234 -16.31 -10.42 15.72
N PHE A 235 -16.25 -11.35 14.77
CA PHE A 235 -15.01 -11.74 14.04
C PHE A 235 -14.49 -10.51 13.29
N PHE A 236 -15.36 -9.84 12.55
CA PHE A 236 -15.04 -8.62 11.79
C PHE A 236 -14.35 -7.61 12.70
N ARG A 237 -14.93 -7.30 13.86
CA ARG A 237 -14.41 -6.24 14.75
C ARG A 237 -13.08 -6.68 15.40
N THR A 238 -12.97 -7.93 15.84
CA THR A 238 -11.71 -8.49 16.43
C THR A 238 -10.60 -8.41 15.37
N ALA A 239 -10.87 -8.92 14.16
CA ALA A 239 -9.85 -9.07 13.09
C ALA A 239 -9.46 -7.70 12.59
N ALA A 240 -10.42 -6.82 12.35
CA ALA A 240 -10.15 -5.48 11.75
C ALA A 240 -9.54 -4.51 12.76
N GLY A 241 -9.83 -4.63 14.05
CA GLY A 241 -9.41 -3.61 15.04
C GLY A 241 -9.77 -2.19 14.54
N PRO A 242 -8.77 -1.32 14.18
CA PRO A 242 -9.01 0.09 13.81
C PRO A 242 -9.83 0.36 12.53
N GLY A 243 -9.47 -0.28 11.39
CA GLY A 243 -10.17 -0.17 10.09
C GLY A 243 -11.70 -0.26 10.23
N SER A 244 -12.18 -0.97 11.27
CA SER A 244 -13.61 -1.19 11.60
C SER A 244 -14.26 0.11 12.11
N ASP A 245 -15.58 0.22 11.94
CA ASP A 245 -16.45 1.31 12.47
C ASP A 245 -15.89 2.68 12.03
N ALA A 246 -15.47 2.79 10.75
CA ALA A 246 -14.87 4.02 10.17
C ALA A 246 -15.29 4.17 8.69
N GLY A 247 -16.46 3.64 8.32
CA GLY A 247 -17.06 3.76 6.98
C GLY A 247 -16.80 2.55 6.11
N GLY A 248 -16.27 1.48 6.71
CA GLY A 248 -15.85 0.23 6.03
C GLY A 248 -14.34 0.01 6.16
N LEU A 249 -13.88 -1.25 6.05
CA LEU A 249 -12.44 -1.60 5.99
C LEU A 249 -11.77 -0.73 4.91
N ASP A 250 -10.68 -0.08 5.23
CA ASP A 250 -10.13 0.99 4.37
C ASP A 250 -8.80 0.58 3.74
N GLY A 251 -8.35 -0.65 3.94
CA GLY A 251 -7.13 -1.19 3.29
C GLY A 251 -7.52 -2.11 2.17
N ARG A 252 -6.77 -3.16 1.95
CA ARG A 252 -7.16 -4.06 0.88
C ARG A 252 -8.46 -4.71 1.34
N PRO A 253 -9.28 -5.15 0.39
CA PRO A 253 -10.64 -5.56 0.69
C PRO A 253 -10.78 -6.92 1.35
N ALA A 254 -11.85 -7.05 2.09
CA ALA A 254 -12.34 -8.33 2.58
C ALA A 254 -12.76 -9.15 1.38
N GLN A 255 -12.82 -10.45 1.54
CA GLN A 255 -13.38 -11.34 0.53
C GLN A 255 -14.32 -12.32 1.24
N SER A 256 -15.26 -12.88 0.51
CA SER A 256 -16.12 -13.97 1.01
C SER A 256 -16.03 -15.13 0.06
N CYS A 257 -16.30 -16.32 0.57
CA CYS A 257 -16.41 -17.53 -0.22
C CYS A 257 -17.79 -18.14 0.02
N HIS A 258 -18.42 -18.62 -1.04
CA HIS A 258 -19.75 -19.26 -1.04
C HIS A 258 -19.60 -20.65 -1.67
N SER A 259 -19.86 -21.68 -0.89
CA SER A 259 -19.63 -23.12 -1.21
C SER A 259 -20.93 -23.75 -1.70
N PHE A 260 -20.90 -24.36 -2.88
CA PHE A 260 -22.01 -25.17 -3.45
C PHE A 260 -21.57 -26.64 -3.46
N THR A 261 -22.19 -27.46 -2.60
CA THR A 261 -21.81 -28.87 -2.28
C THR A 261 -22.94 -29.83 -2.64
N ASP A 262 -24.21 -29.46 -2.44
CA ASP A 262 -25.37 -30.35 -2.76
C ASP A 262 -25.56 -30.36 -4.28
N PRO A 263 -25.63 -31.54 -4.94
CA PRO A 263 -25.81 -31.58 -6.40
C PRO A 263 -27.14 -30.90 -6.80
N GLY A 264 -27.08 -30.03 -7.81
CA GLY A 264 -28.25 -29.31 -8.33
C GLY A 264 -28.66 -28.12 -7.46
N ALA A 265 -28.09 -27.98 -6.25
CA ALA A 265 -28.49 -26.92 -5.29
C ALA A 265 -28.10 -25.57 -5.88
N GLU A 266 -29.00 -24.58 -5.76
CA GLU A 266 -28.82 -23.20 -6.28
C GLU A 266 -28.42 -22.28 -5.12
N ARG A 267 -28.44 -22.79 -3.87
CA ARG A 267 -28.10 -22.03 -2.64
C ARG A 267 -26.82 -22.61 -2.04
N PRO A 268 -25.89 -21.76 -1.52
CA PRO A 268 -24.67 -22.23 -0.86
C PRO A 268 -24.92 -22.90 0.49
N SER A 269 -24.15 -23.95 0.78
CA SER A 269 -24.08 -24.69 2.07
C SER A 269 -22.98 -24.13 2.97
N GLY A 270 -22.10 -23.30 2.43
CA GLY A 270 -20.97 -22.81 3.21
C GLY A 270 -20.68 -21.36 2.91
N PHE A 271 -20.19 -20.64 3.92
CA PHE A 271 -19.82 -19.22 3.83
C PHE A 271 -18.57 -18.99 4.65
N THR A 272 -17.60 -18.30 4.06
CA THR A 272 -16.37 -17.89 4.77
C THR A 272 -16.17 -16.40 4.55
N LEU A 273 -15.80 -15.67 5.61
CA LEU A 273 -15.35 -14.29 5.50
C LEU A 273 -13.83 -14.22 5.72
N TYR A 274 -13.12 -13.62 4.80
CA TYR A 274 -11.65 -13.39 4.89
C TYR A 274 -11.34 -11.92 5.14
N ILE A 275 -10.60 -11.63 6.18
CA ILE A 275 -10.13 -10.28 6.50
C ILE A 275 -8.59 -10.22 6.40
N PRO A 276 -8.04 -9.34 5.54
CA PRO A 276 -6.58 -9.19 5.38
C PRO A 276 -5.96 -8.40 6.54
N VAL A 277 -5.86 -9.08 7.67
CA VAL A 277 -5.46 -8.49 8.97
C VAL A 277 -4.13 -7.75 8.83
N ARG A 278 -3.24 -8.15 7.90
CA ARG A 278 -1.91 -7.53 7.73
C ARG A 278 -2.04 -6.03 7.42
N ASP A 279 -3.15 -5.59 6.86
CA ASP A 279 -3.38 -4.17 6.50
C ASP A 279 -3.93 -3.37 7.67
N TYR A 280 -4.16 -3.98 8.84
CA TYR A 280 -4.99 -3.39 9.94
C TYR A 280 -4.27 -3.52 11.30
N VAL A 281 -2.98 -3.85 11.29
CA VAL A 281 -2.18 -4.00 12.52
C VAL A 281 -0.88 -3.22 12.37
N ARG A 282 -0.21 -2.95 13.48
CA ARG A 282 1.17 -2.41 13.52
C ARG A 282 2.18 -3.49 13.15
N HIS A 283 1.94 -4.73 13.57
CA HIS A 283 2.92 -5.84 13.47
C HIS A 283 2.22 -7.17 13.73
N ASP A 284 2.91 -8.27 13.51
CA ASP A 284 2.36 -9.63 13.63
C ASP A 284 2.11 -10.00 15.09
N GLY A 285 2.74 -9.33 16.07
CA GLY A 285 2.33 -9.50 17.47
C GLY A 285 0.86 -9.17 17.64
N GLU A 286 0.43 -8.05 17.08
CA GLU A 286 -0.98 -7.58 17.11
C GLU A 286 -1.86 -8.57 16.34
N ALA A 287 -1.47 -8.95 15.12
CA ALA A 287 -2.20 -9.97 14.33
C ALA A 287 -2.34 -11.27 15.16
N LEU A 288 -1.28 -11.71 15.82
CA LEU A 288 -1.26 -12.97 16.60
C LEU A 288 -2.23 -12.84 17.80
N ALA A 289 -2.20 -11.71 18.50
CA ALA A 289 -3.13 -11.44 19.63
C ALA A 289 -4.60 -11.45 19.11
N ARG A 290 -4.89 -10.78 17.99
CA ARG A 290 -6.28 -10.79 17.44
C ARG A 290 -6.68 -12.21 17.01
N ALA A 291 -5.78 -12.95 16.35
CA ALA A 291 -6.05 -14.36 15.96
C ALA A 291 -6.36 -15.20 17.20
N SER A 292 -5.58 -15.00 18.25
CA SER A 292 -5.71 -15.78 19.50
C SER A 292 -7.07 -15.49 20.13
N THR A 293 -7.51 -14.23 20.13
CA THR A 293 -8.86 -13.82 20.65
C THR A 293 -9.96 -14.55 19.86
N VAL A 294 -9.87 -14.58 18.54
CA VAL A 294 -10.90 -15.22 17.67
C VAL A 294 -10.96 -16.71 17.99
N LEU A 295 -9.81 -17.38 18.08
CA LEU A 295 -9.73 -18.83 18.39
C LEU A 295 -10.40 -19.12 19.75
N HIS A 296 -10.06 -18.35 20.76
CA HIS A 296 -10.61 -18.52 22.13
C HIS A 296 -12.12 -18.38 22.07
N HIS A 297 -12.61 -17.39 21.31
CA HIS A 297 -14.05 -17.04 21.19
C HIS A 297 -14.82 -18.19 20.56
N HIS A 298 -14.17 -19.05 19.79
CA HIS A 298 -14.77 -20.20 19.08
C HIS A 298 -14.31 -21.51 19.72
N GLY A 299 -13.79 -21.43 20.96
CA GLY A 299 -13.52 -22.56 21.86
C GLY A 299 -12.28 -23.36 21.48
N MET A 300 -11.20 -22.71 21.03
CA MET A 300 -10.00 -23.41 20.51
C MET A 300 -8.71 -22.82 21.08
N ASP A 301 -7.67 -23.64 21.16
CA ASP A 301 -6.34 -23.24 21.67
C ASP A 301 -5.58 -22.52 20.56
N ALA A 302 -4.75 -21.55 20.93
CA ALA A 302 -3.97 -20.66 20.05
C ALA A 302 -2.48 -21.01 20.05
N SER A 303 -1.99 -21.86 20.97
CA SER A 303 -0.53 -22.09 21.16
C SER A 303 0.09 -22.64 19.87
N VAL A 304 -0.63 -23.48 19.12
CA VAL A 304 -0.14 -24.03 17.83
C VAL A 304 0.13 -22.87 16.86
N LEU A 305 -0.74 -21.86 16.85
CA LEU A 305 -0.54 -20.72 15.90
C LEU A 305 0.69 -19.95 16.32
N HIS A 306 0.93 -19.78 17.64
CA HIS A 306 2.18 -19.12 18.14
C HIS A 306 3.39 -19.90 17.63
N ARG A 307 3.37 -21.24 17.73
CA ARG A 307 4.50 -22.07 17.31
C ARG A 307 4.69 -21.98 15.79
N ALA A 308 3.59 -21.86 15.05
CA ALA A 308 3.59 -21.82 13.58
C ALA A 308 4.41 -20.62 13.09
N LEU A 309 4.27 -19.47 13.72
CA LEU A 309 5.02 -18.24 13.31
C LEU A 309 6.52 -18.45 13.52
N ALA A 310 6.93 -19.03 14.65
CA ALA A 310 8.35 -19.28 14.96
C ALA A 310 8.92 -20.29 13.97
N ALA A 311 8.09 -21.22 13.47
CA ALA A 311 8.49 -22.25 12.50
C ALA A 311 8.81 -21.59 11.15
N LEU A 312 8.04 -20.57 10.76
CA LEU A 312 8.17 -19.93 9.42
C LEU A 312 9.34 -18.97 9.38
N THR A 313 9.62 -18.27 10.48
CA THR A 313 10.67 -17.24 10.50
C THR A 313 11.32 -17.11 11.87
N GLU A 314 12.56 -16.66 11.84
CA GLU A 314 13.38 -16.36 13.03
C GLU A 314 12.92 -15.04 13.66
N ARG A 315 12.37 -14.08 12.90
CA ARG A 315 12.16 -12.72 13.44
C ARG A 315 11.05 -12.78 14.49
N ARG A 316 11.10 -11.85 15.44
CA ARG A 316 9.99 -11.58 16.39
C ARG A 316 8.77 -11.17 15.58
N PRO A 317 7.55 -11.65 15.93
CA PRO A 317 6.33 -11.12 15.33
C PRO A 317 6.26 -9.57 15.37
N GLU A 318 6.78 -8.96 16.44
CA GLU A 318 6.65 -7.51 16.71
C GLU A 318 7.56 -6.71 15.77
N ASP A 319 8.50 -7.35 15.07
CA ASP A 319 9.53 -6.66 14.24
C ASP A 319 9.11 -6.57 12.78
N GLY A 320 7.89 -6.98 12.45
CA GLY A 320 7.42 -6.97 11.06
C GLY A 320 5.93 -7.15 10.97
N VAL A 321 5.41 -7.02 9.77
CA VAL A 321 3.96 -7.24 9.52
C VAL A 321 3.85 -8.08 8.23
N GLY A 322 2.80 -8.87 8.11
CA GLY A 322 2.48 -9.57 6.86
C GLY A 322 2.65 -11.08 6.99
N LEU A 323 3.25 -11.55 8.08
CA LEU A 323 3.38 -12.99 8.35
C LEU A 323 1.99 -13.63 8.47
N ILE A 324 1.10 -13.04 9.27
CA ILE A 324 -0.32 -13.42 9.24
C ILE A 324 -0.99 -12.54 8.18
N ALA A 325 -1.28 -13.12 7.01
CA ALA A 325 -1.79 -12.38 5.86
C ALA A 325 -3.31 -12.15 6.01
N TYR A 326 -4.05 -13.21 6.28
CA TYR A 326 -5.52 -13.17 6.45
C TYR A 326 -5.91 -13.98 7.67
N LEU A 327 -7.03 -13.61 8.24
CA LEU A 327 -7.80 -14.47 9.13
C LEU A 327 -9.14 -14.73 8.49
N ALA A 328 -9.70 -15.89 8.71
CA ALA A 328 -11.01 -16.26 8.13
C ALA A 328 -11.86 -16.94 9.19
N LEU A 329 -13.16 -16.68 9.13
CA LEU A 329 -14.19 -17.42 9.87
C LEU A 329 -15.02 -18.17 8.83
N ALA A 330 -15.05 -19.49 8.92
CA ALA A 330 -15.61 -20.42 7.89
C ALA A 330 -16.80 -21.18 8.47
N GLY A 331 -17.98 -21.02 7.87
CA GLY A 331 -19.21 -21.74 8.22
C GLY A 331 -19.54 -22.82 7.20
N GLN A 332 -20.21 -23.87 7.65
CA GLN A 332 -20.78 -24.95 6.82
C GLN A 332 -21.96 -25.52 7.60
N ARG A 333 -23.05 -25.87 6.92
CA ARG A 333 -24.28 -26.44 7.55
C ARG A 333 -23.91 -27.57 8.51
N ASP A 334 -24.55 -27.62 9.68
CA ASP A 334 -24.40 -28.74 10.65
C ASP A 334 -22.90 -28.91 11.03
N GLN A 335 -22.20 -27.79 11.25
CA GLN A 335 -20.81 -27.78 11.81
C GLN A 335 -20.62 -26.53 12.67
N PRO A 336 -19.73 -26.58 13.69
CA PRO A 336 -19.36 -25.38 14.42
C PRO A 336 -18.45 -24.54 13.52
N PRO A 337 -18.35 -23.21 13.73
CA PRO A 337 -17.46 -22.38 12.91
C PRO A 337 -16.01 -22.92 12.93
N ARG A 338 -15.27 -22.61 11.86
CA ARG A 338 -13.85 -22.97 11.65
C ARG A 338 -13.08 -21.65 11.53
N VAL A 339 -11.91 -21.56 12.14
CA VAL A 339 -11.05 -20.32 12.07
C VAL A 339 -9.76 -20.68 11.32
N THR A 340 -9.41 -19.92 10.31
CA THR A 340 -8.18 -20.18 9.50
C THR A 340 -7.25 -18.97 9.55
N ALA A 341 -5.97 -19.21 9.76
CA ALA A 341 -4.88 -18.23 9.65
C ALA A 341 -4.05 -18.58 8.42
N TYR A 342 -3.93 -17.61 7.53
CA TYR A 342 -3.11 -17.66 6.32
C TYR A 342 -1.76 -17.08 6.66
N LEU A 343 -0.71 -17.84 6.40
CA LEU A 343 0.64 -17.58 6.93
C LEU A 343 1.61 -17.45 5.77
N SER A 344 2.30 -16.35 5.72
CA SER A 344 3.17 -15.99 4.59
C SER A 344 4.50 -16.72 4.70
N SER A 345 5.04 -17.12 3.57
CA SER A 345 6.41 -17.68 3.47
C SER A 345 7.47 -16.61 3.66
N GLU A 346 7.31 -15.42 3.05
CA GLU A 346 8.26 -14.29 3.18
C GLU A 346 9.65 -14.69 2.66
N ALA A 347 9.74 -15.53 1.65
CA ALA A 347 11.01 -15.94 1.03
C ALA A 347 11.75 -14.71 0.47
N TYR A 348 11.03 -13.63 0.18
CA TYR A 348 11.63 -12.42 -0.42
C TYR A 348 11.55 -11.24 0.56
N THR A 349 11.37 -11.52 1.83
CA THR A 349 11.38 -10.47 2.88
C THR A 349 12.49 -10.80 3.88
N VAL A 350 13.69 -10.26 3.67
CA VAL A 350 14.93 -10.63 4.42
C VAL A 350 15.40 -9.45 5.28
N ARG A 351 16.08 -9.74 6.39
CA ARG A 351 16.90 -8.75 7.14
C ARG A 351 18.00 -8.21 6.23
N PRO A 352 18.03 -6.89 5.90
CA PRO A 352 19.09 -6.34 5.03
C PRO A 352 20.47 -6.55 5.64
N PRO A 353 21.57 -6.59 4.82
CA PRO A 353 22.89 -6.91 5.36
C PRO A 353 23.36 -5.87 6.40
N VAL A 354 24.14 -6.32 7.38
CA VAL A 354 24.68 -5.47 8.50
C VAL A 354 26.02 -4.87 8.06
N VAL A 355 26.01 -3.56 7.76
CA VAL A 355 27.19 -2.70 7.42
C VAL A 355 27.05 -1.43 8.26
N GLU A 356 27.81 -1.32 9.34
CA GLU A 356 27.64 -0.28 10.39
C GLU A 356 28.26 1.03 9.88
N LEU A 357 27.49 2.11 9.88
CA LEU A 357 28.00 3.48 9.62
C LEU A 357 28.86 3.89 10.82
N VAL A 358 30.12 4.25 10.57
CA VAL A 358 31.05 4.84 11.57
C VAL A 358 31.60 6.11 10.95
N PRO A 359 31.36 7.31 11.53
CA PRO A 359 30.64 7.45 12.80
C PRO A 359 29.12 7.28 12.66
N ARG A 360 28.44 6.85 13.74
CA ARG A 360 26.94 6.80 13.84
C ARG A 360 26.53 6.51 15.29
N MET B 1 -21.94 26.34 -15.54
CA MET B 1 -20.49 26.49 -15.11
C MET B 1 -20.42 27.23 -13.76
N ASP B 2 -19.39 26.90 -12.98
CA ASP B 2 -19.05 27.57 -11.69
C ASP B 2 -18.21 28.82 -11.98
N ALA B 3 -18.65 29.99 -11.47
CA ALA B 3 -17.95 31.31 -11.55
C ALA B 3 -16.84 31.38 -10.47
N SER B 4 -16.39 30.24 -9.96
CA SER B 4 -15.27 30.16 -9.00
C SER B 4 -14.03 30.82 -9.60
N THR B 5 -13.20 31.41 -8.76
CA THR B 5 -11.84 31.88 -9.10
C THR B 5 -10.82 30.90 -8.53
N LEU B 6 -9.55 31.00 -8.94
CA LEU B 6 -8.45 30.26 -8.29
C LEU B 6 -8.52 30.51 -6.78
N GLY B 7 -8.67 31.78 -6.38
CA GLY B 7 -8.71 32.23 -4.98
C GLY B 7 -9.88 31.65 -4.21
N SER B 8 -11.11 31.74 -4.74
CA SER B 8 -12.34 31.26 -4.05
C SER B 8 -12.32 29.73 -3.98
N PHE B 9 -11.92 29.08 -5.06
CA PHE B 9 -11.92 27.61 -5.16
C PHE B 9 -10.90 27.05 -4.16
N THR B 10 -9.63 27.48 -4.23
CA THR B 10 -8.55 26.92 -3.35
C THR B 10 -8.79 27.40 -1.91
N GLY B 11 -9.35 28.59 -1.71
CA GLY B 11 -9.74 29.07 -0.38
C GLY B 11 -10.82 28.19 0.22
N GLY B 12 -11.81 27.83 -0.58
CA GLY B 12 -12.86 26.90 -0.13
C GLY B 12 -12.26 25.56 0.29
N GLN B 13 -11.37 25.01 -0.51
CA GLN B 13 -10.67 23.76 -0.16
C GLN B 13 -9.92 23.94 1.15
N LEU B 14 -9.19 25.04 1.31
CA LEU B 14 -8.38 25.27 2.52
C LEU B 14 -9.32 25.30 3.73
N ARG B 15 -10.46 25.98 3.61
N ARG B 15 -10.46 25.99 3.62
CA ARG B 15 -11.45 26.12 4.73
CA ARG B 15 -11.42 26.15 4.75
C ARG B 15 -11.99 24.76 5.12
C ARG B 15 -12.02 24.78 5.12
N ARG B 16 -12.36 23.95 4.13
CA ARG B 16 -12.99 22.64 4.37
C ARG B 16 -11.95 21.68 4.93
N LEU B 17 -10.75 21.69 4.39
CA LEU B 17 -9.64 20.85 4.89
C LEU B 17 -9.22 21.32 6.29
N GLY B 18 -9.18 22.63 6.53
CA GLY B 18 -8.81 23.16 7.86
C GLY B 18 -9.78 22.69 8.94
N SER B 19 -11.08 22.69 8.63
CA SER B 19 -12.14 22.20 9.54
C SER B 19 -11.88 20.73 9.85
N VAL B 20 -11.56 19.94 8.85
CA VAL B 20 -11.28 18.48 9.05
C VAL B 20 -10.05 18.34 9.95
N ALA B 21 -9.07 19.20 9.78
CA ALA B 21 -7.81 19.16 10.55
C ALA B 21 -8.02 19.75 11.96
N GLY B 22 -9.22 20.22 12.29
CA GLY B 22 -9.54 20.68 13.65
C GLY B 22 -9.21 22.15 13.87
N LEU B 23 -8.90 22.91 12.82
CA LEU B 23 -8.60 24.35 12.96
C LEU B 23 -9.88 25.12 13.31
N SER B 24 -9.72 26.18 14.05
CA SER B 24 -10.82 27.12 14.43
C SER B 24 -11.32 27.88 13.19
N ARG B 25 -12.51 28.45 13.29
CA ARG B 25 -13.11 29.36 12.27
C ARG B 25 -12.16 30.53 12.06
N ALA B 26 -11.65 31.10 13.14
CA ALA B 26 -10.71 32.23 13.08
C ALA B 26 -9.47 31.79 12.32
N ASP B 27 -8.93 30.60 12.61
CA ASP B 27 -7.69 30.11 11.97
C ASP B 27 -7.91 29.91 10.46
N VAL B 28 -9.01 29.30 10.02
CA VAL B 28 -9.20 29.10 8.57
C VAL B 28 -9.46 30.46 7.88
N GLU B 29 -10.08 31.42 8.57
CA GLU B 29 -10.26 32.77 7.97
C GLU B 29 -8.88 33.38 7.75
N THR B 30 -8.03 33.32 8.77
CA THR B 30 -6.65 33.85 8.70
C THR B 30 -5.93 33.21 7.50
N TYR B 31 -5.96 31.90 7.42
CA TYR B 31 -5.16 31.12 6.47
C TYR B 31 -5.72 31.26 5.05
N ALA B 32 -7.03 31.39 4.90
CA ALA B 32 -7.66 31.66 3.59
C ALA B 32 -7.15 33.02 3.07
N GLN B 33 -7.09 34.03 3.93
CA GLN B 33 -6.55 35.38 3.58
C GLN B 33 -5.08 35.23 3.15
N VAL B 34 -4.30 34.49 3.91
CA VAL B 34 -2.85 34.28 3.64
C VAL B 34 -2.68 33.67 2.25
N LEU B 35 -3.50 32.67 1.92
CA LEU B 35 -3.40 31.95 0.63
C LEU B 35 -3.78 32.91 -0.51
N THR B 36 -4.87 33.66 -0.36
CA THR B 36 -5.29 34.63 -1.42
C THR B 36 -4.22 35.72 -1.58
N ASP B 37 -3.64 36.18 -0.49
CA ASP B 37 -2.50 37.15 -0.53
C ASP B 37 -1.31 36.56 -1.31
N ALA B 38 -0.95 35.30 -1.02
CA ALA B 38 0.19 34.60 -1.63
C ALA B 38 -0.05 34.50 -3.15
N LEU B 39 -1.28 34.22 -3.57
CA LEU B 39 -1.63 34.12 -5.00
C LEU B 39 -1.65 35.51 -5.68
N GLY B 40 -1.82 36.59 -4.94
CA GLY B 40 -1.80 37.96 -5.49
C GLY B 40 -2.80 38.10 -6.65
N PRO B 41 -2.41 38.73 -7.78
CA PRO B 41 -3.32 38.93 -8.92
C PRO B 41 -4.09 37.68 -9.39
N VAL B 42 -3.48 36.49 -9.37
CA VAL B 42 -4.12 35.28 -9.96
C VAL B 42 -5.24 34.77 -9.05
N ALA B 43 -5.35 35.22 -7.80
CA ALA B 43 -6.46 34.83 -6.88
C ALA B 43 -7.81 35.12 -7.52
N GLN B 44 -7.94 36.24 -8.25
CA GLN B 44 -9.20 36.67 -8.91
C GLN B 44 -9.35 36.06 -10.30
N ARG B 45 -8.43 35.18 -10.74
CA ARG B 45 -8.51 34.55 -12.09
C ARG B 45 -9.65 33.52 -12.12
N PRO B 46 -10.68 33.70 -12.98
CA PRO B 46 -11.74 32.71 -13.13
C PRO B 46 -11.19 31.31 -13.46
N LEU B 47 -11.81 30.28 -12.92
CA LEU B 47 -11.48 28.86 -13.22
C LEU B 47 -11.94 28.50 -14.63
N SER B 48 -12.82 29.31 -15.23
CA SER B 48 -13.24 29.16 -16.64
C SER B 48 -12.06 29.40 -17.61
N LEU B 49 -11.00 30.11 -17.19
CA LEU B 49 -9.76 30.33 -18.01
C LEU B 49 -8.77 29.16 -17.79
N ALA B 50 -7.91 28.93 -18.76
CA ALA B 50 -6.78 27.97 -18.68
C ALA B 50 -5.86 28.38 -17.53
N PRO B 51 -5.05 27.43 -16.99
CA PRO B 51 -4.02 27.79 -16.00
C PRO B 51 -3.18 29.00 -16.45
N PRO B 52 -2.80 29.91 -15.55
CA PRO B 52 -2.01 31.08 -15.95
C PRO B 52 -0.67 30.68 -16.56
N THR B 53 -0.04 29.61 -16.04
CA THR B 53 1.21 29.02 -16.56
C THR B 53 1.19 27.52 -16.31
N ARG B 54 1.97 26.76 -17.04
CA ARG B 54 2.02 25.28 -16.89
C ARG B 54 2.94 24.98 -15.70
N THR B 55 2.56 25.40 -14.50
CA THR B 55 3.39 25.25 -13.29
C THR B 55 3.69 23.76 -13.10
N PHE B 56 4.91 23.45 -12.68
CA PHE B 56 5.36 22.12 -12.25
C PHE B 56 4.75 21.78 -10.87
N LEU B 57 4.10 22.72 -10.19
CA LEU B 57 3.67 22.45 -8.78
C LEU B 57 2.68 21.26 -8.75
N SER B 58 1.75 21.17 -9.71
CA SER B 58 0.80 20.02 -9.79
C SER B 58 0.63 19.58 -11.24
N ASP B 59 0.11 18.38 -11.43
CA ASP B 59 -0.06 17.74 -12.76
C ASP B 59 -1.00 18.60 -13.62
N ASP B 60 -2.07 19.16 -13.05
CA ASP B 60 -3.09 19.93 -13.81
C ASP B 60 -2.76 21.42 -13.82
N HIS B 61 -1.60 21.81 -13.26
CA HIS B 61 -1.06 23.20 -13.19
C HIS B 61 -1.90 24.09 -12.27
N THR B 62 -2.56 23.51 -11.27
CA THR B 62 -3.07 24.32 -10.14
C THR B 62 -1.85 24.72 -9.32
N PRO B 63 -1.63 26.03 -9.05
CA PRO B 63 -0.46 26.48 -8.30
C PRO B 63 -0.56 26.33 -6.77
N VAL B 64 -1.39 25.39 -6.34
CA VAL B 64 -1.66 25.09 -4.92
C VAL B 64 -1.73 23.59 -4.76
N GLU B 65 -1.17 23.08 -3.69
CA GLU B 65 -1.31 21.66 -3.26
C GLU B 65 -1.43 21.65 -1.75
N PHE B 66 -2.12 20.70 -1.22
CA PHE B 66 -2.33 20.58 0.22
C PHE B 66 -1.58 19.37 0.72
N SER B 67 -1.37 19.27 2.01
CA SER B 67 -0.89 18.02 2.62
C SER B 67 -1.35 17.93 4.07
N LEU B 68 -1.54 16.70 4.51
CA LEU B 68 -1.87 16.36 5.89
C LEU B 68 -0.80 15.39 6.37
N SER B 69 -0.17 15.72 7.48
CA SER B 69 0.92 14.93 8.10
C SER B 69 0.40 14.36 9.42
N PHE B 70 0.49 13.05 9.57
CA PHE B 70 -0.03 12.29 10.72
C PHE B 70 1.12 11.82 11.61
N ARG B 71 1.11 12.21 12.88
CA ARG B 71 2.07 11.70 13.89
C ARG B 71 1.25 10.98 14.98
N PRO B 72 1.70 9.81 15.49
CA PRO B 72 0.90 9.06 16.46
C PRO B 72 0.47 9.99 17.61
N GLY B 73 -0.83 10.03 17.87
CA GLY B 73 -1.42 10.72 19.05
C GLY B 73 -1.38 12.24 18.95
N ALA B 74 -0.92 12.80 17.83
CA ALA B 74 -0.95 14.27 17.58
C ALA B 74 -2.11 14.58 16.65
N ALA B 75 -2.60 15.80 16.71
CA ALA B 75 -3.59 16.29 15.73
C ALA B 75 -2.94 16.26 14.35
N PRO B 76 -3.72 15.92 13.31
CA PRO B 76 -3.28 16.07 11.93
C PRO B 76 -2.74 17.49 11.70
N ALA B 77 -1.61 17.59 11.00
CA ALA B 77 -0.96 18.85 10.66
C ALA B 77 -1.26 19.14 9.19
N MET B 78 -1.94 20.25 8.91
CA MET B 78 -2.31 20.64 7.52
C MET B 78 -1.23 21.59 6.99
N ARG B 79 -0.89 21.45 5.73
CA ARG B 79 0.06 22.39 5.06
C ARG B 79 -0.52 22.75 3.70
N VAL B 80 -0.13 23.91 3.18
CA VAL B 80 -0.48 24.33 1.82
C VAL B 80 0.80 24.76 1.14
N LEU B 81 0.97 24.32 -0.11
CA LEU B 81 2.09 24.67 -1.01
C LEU B 81 1.54 25.57 -2.10
N VAL B 82 2.22 26.67 -2.37
CA VAL B 82 1.79 27.67 -3.36
C VAL B 82 3.00 28.17 -4.17
N GLU B 83 2.76 28.45 -5.44
CA GLU B 83 3.67 29.19 -6.30
C GLU B 83 3.17 30.63 -6.48
N PRO B 84 3.66 31.61 -5.69
CA PRO B 84 3.09 32.96 -5.78
C PRO B 84 3.35 33.58 -7.15
N GLY B 85 4.42 33.16 -7.83
CA GLY B 85 4.82 33.72 -9.13
C GLY B 85 4.15 33.06 -10.33
N CYS B 86 3.05 32.32 -10.18
CA CYS B 86 2.47 31.46 -11.25
C CYS B 86 1.78 32.30 -12.36
N GLY B 87 1.53 33.58 -12.12
CA GLY B 87 0.97 34.50 -13.13
C GLY B 87 2.05 35.18 -13.98
N ALA B 88 3.32 35.05 -13.64
CA ALA B 88 4.42 35.84 -14.27
C ALA B 88 4.75 35.27 -15.67
N THR B 89 5.31 36.11 -16.54
CA THR B 89 5.54 35.78 -17.98
C THR B 89 6.98 35.31 -18.18
N SER B 90 7.79 35.30 -17.12
CA SER B 90 9.15 34.75 -17.14
C SER B 90 9.44 34.13 -15.78
N LEU B 91 10.36 33.20 -15.76
CA LEU B 91 10.80 32.53 -14.52
C LEU B 91 11.49 33.55 -13.59
N ALA B 92 12.25 34.53 -14.12
CA ALA B 92 12.85 35.64 -13.33
C ALA B 92 11.76 36.42 -12.59
N ASP B 93 10.69 36.79 -13.29
CA ASP B 93 9.54 37.52 -12.69
C ASP B 93 8.82 36.60 -11.71
N ASN B 94 8.74 35.32 -12.05
CA ASN B 94 8.14 34.29 -11.18
C ASN B 94 8.83 34.34 -9.81
N GLY B 95 10.14 34.22 -9.81
CA GLY B 95 11.00 34.24 -8.61
C GLY B 95 10.84 35.54 -7.86
N ARG B 96 10.84 36.68 -8.57
CA ARG B 96 10.67 38.01 -7.93
C ARG B 96 9.34 38.03 -7.17
N ALA B 97 8.26 37.61 -7.78
CA ALA B 97 6.93 37.60 -7.15
C ALA B 97 6.93 36.59 -5.98
N GLY B 98 7.62 35.46 -6.14
CA GLY B 98 7.79 34.50 -5.04
C GLY B 98 8.45 35.17 -3.82
N LEU B 99 9.56 35.85 -4.05
CA LEU B 99 10.33 36.48 -2.97
C LEU B 99 9.48 37.57 -2.33
N GLU B 100 8.74 38.34 -3.12
CA GLU B 100 7.87 39.42 -2.56
C GLU B 100 6.77 38.79 -1.67
N ALA B 101 6.19 37.65 -2.06
CA ALA B 101 5.17 36.95 -1.26
C ALA B 101 5.79 36.51 0.08
N VAL B 102 7.02 36.01 0.06
CA VAL B 102 7.73 35.61 1.32
C VAL B 102 8.00 36.86 2.17
N ARG B 103 8.45 37.94 1.55
CA ARG B 103 8.72 39.23 2.25
C ARG B 103 7.43 39.75 2.87
N THR B 104 6.29 39.60 2.19
CA THR B 104 4.97 40.00 2.75
C THR B 104 4.70 39.17 4.01
N MET B 105 4.90 37.86 3.96
CA MET B 105 4.71 36.97 5.16
C MET B 105 5.66 37.37 6.30
N ALA B 106 6.93 37.68 6.00
CA ALA B 106 7.94 38.11 7.02
C ALA B 106 7.48 39.39 7.69
N ARG B 107 6.87 40.31 6.94
CA ARG B 107 6.42 41.61 7.49
C ARG B 107 5.19 41.35 8.35
N ARG B 108 4.36 40.40 7.93
CA ARG B 108 3.11 40.07 8.62
C ARG B 108 3.41 39.41 9.96
N TRP B 109 4.33 38.47 10.01
CA TRP B 109 4.57 37.66 11.22
C TRP B 109 5.88 38.08 11.83
N HIS B 110 6.45 39.16 11.28
CA HIS B 110 7.62 39.90 11.80
C HIS B 110 8.71 38.90 12.14
N PHE B 111 9.08 38.05 11.17
CA PHE B 111 10.26 37.16 11.23
C PHE B 111 11.32 37.61 10.22
N THR B 112 12.52 37.06 10.37
CA THR B 112 13.74 37.41 9.61
C THR B 112 13.98 36.37 8.52
N THR B 113 14.45 36.82 7.36
CA THR B 113 14.68 36.02 6.15
C THR B 113 16.18 35.93 5.83
N ASP B 114 17.04 36.17 6.83
CA ASP B 114 18.51 36.15 6.73
C ASP B 114 18.99 34.92 5.97
N ALA B 115 18.51 33.73 6.38
CA ALA B 115 18.90 32.44 5.78
C ALA B 115 18.55 32.40 4.28
N LEU B 116 17.41 32.99 3.89
CA LEU B 116 17.00 33.05 2.46
C LEU B 116 17.85 34.11 1.77
N ASP B 117 17.98 35.26 2.41
CA ASP B 117 18.64 36.46 1.85
C ASP B 117 20.05 36.08 1.43
N GLU B 118 20.72 35.18 2.18
CA GLU B 118 22.11 34.70 1.92
C GLU B 118 22.19 33.83 0.64
N LEU B 119 21.06 33.36 0.08
CA LEU B 119 21.03 32.38 -1.05
C LEU B 119 20.51 33.02 -2.35
N LEU B 120 20.07 34.26 -2.34
CA LEU B 120 19.30 34.81 -3.48
C LEU B 120 20.16 34.86 -4.76
N ASP B 121 21.45 35.10 -4.64
CA ASP B 121 22.36 35.21 -5.81
C ASP B 121 22.50 33.83 -6.47
N LEU B 122 22.41 32.72 -5.69
CA LEU B 122 22.47 31.29 -6.15
C LEU B 122 21.17 30.87 -6.86
N PHE B 123 20.02 31.17 -6.25
CA PHE B 123 18.71 30.53 -6.58
C PHE B 123 17.79 31.45 -7.37
N LEU B 124 18.04 32.76 -7.38
CA LEU B 124 17.23 33.71 -8.20
C LEU B 124 18.17 34.55 -9.06
N PRO B 125 18.97 33.92 -9.96
CA PRO B 125 19.84 34.65 -10.89
C PRO B 125 19.10 35.22 -12.09
N PRO B 126 19.78 36.03 -12.94
CA PRO B 126 19.12 36.83 -13.99
C PRO B 126 18.30 36.06 -15.04
N ALA B 127 18.85 34.97 -15.57
CA ALA B 127 18.27 34.13 -16.65
C ALA B 127 18.06 32.71 -16.13
N PRO B 128 17.15 32.52 -15.15
CA PRO B 128 17.08 31.25 -14.45
C PRO B 128 16.50 30.13 -15.32
N GLN B 129 16.82 28.88 -15.02
CA GLN B 129 16.27 27.67 -15.68
C GLN B 129 15.23 27.02 -14.79
N GLY B 130 14.26 26.33 -15.41
CA GLY B 130 13.09 25.74 -14.74
C GLY B 130 13.47 24.51 -13.93
N PRO B 131 12.50 23.76 -13.36
CA PRO B 131 11.07 24.00 -13.55
C PRO B 131 10.38 24.92 -12.52
N LEU B 132 11.10 25.44 -11.55
CA LEU B 132 10.55 26.41 -10.59
C LEU B 132 11.60 27.47 -10.24
N ALA B 133 11.15 28.55 -9.61
CA ALA B 133 12.01 29.59 -9.04
C ALA B 133 11.81 29.61 -7.54
N LEU B 134 10.56 29.66 -7.06
CA LEU B 134 10.29 29.76 -5.60
C LEU B 134 8.87 29.34 -5.30
N TRP B 135 8.74 28.33 -4.45
CA TRP B 135 7.47 27.93 -3.88
C TRP B 135 7.52 28.18 -2.38
N CYS B 136 6.36 28.31 -1.80
N CYS B 136 6.34 28.43 -1.81
CA CYS B 136 6.26 28.53 -0.36
CA CYS B 136 6.11 28.63 -0.35
C CYS B 136 5.26 27.53 0.19
C CYS B 136 5.25 27.48 0.16
N ALA B 137 5.61 26.88 1.28
CA ALA B 137 4.73 25.95 2.02
C ALA B 137 4.45 26.56 3.38
N LEU B 138 3.20 26.59 3.76
CA LEU B 138 2.76 27.11 5.07
C LEU B 138 2.26 25.95 5.91
N GLU B 139 2.78 25.80 7.11
CA GLU B 139 2.21 24.87 8.10
C GLU B 139 1.11 25.62 8.84
N LEU B 140 -0.14 25.20 8.64
CA LEU B 140 -1.36 25.87 9.14
C LEU B 140 -1.56 25.49 10.60
N ARG B 141 -0.73 26.05 11.44
CA ARG B 141 -0.69 25.80 12.91
C ARG B 141 -1.92 26.41 13.56
N PRO B 142 -2.51 25.70 14.55
CA PRO B 142 -3.53 26.29 15.40
C PRO B 142 -3.01 27.63 15.97
N GLY B 143 -3.86 28.65 16.04
CA GLY B 143 -3.50 30.01 16.54
C GLY B 143 -3.21 31.01 15.44
N GLY B 144 -3.08 30.59 14.17
CA GLY B 144 -3.03 31.51 13.03
C GLY B 144 -1.65 32.04 12.70
N VAL B 145 -0.60 31.61 13.38
CA VAL B 145 0.81 31.97 13.01
C VAL B 145 1.47 30.73 12.39
N PRO B 146 1.69 30.70 11.07
CA PRO B 146 2.07 29.48 10.39
C PRO B 146 3.59 29.25 10.44
N GLY B 147 4.00 28.01 10.22
CA GLY B 147 5.37 27.71 9.81
C GLY B 147 5.54 28.09 8.36
N VAL B 148 6.68 28.61 8.00
CA VAL B 148 6.92 29.08 6.62
C VAL B 148 8.12 28.34 6.08
N LYS B 149 7.98 27.68 4.94
CA LYS B 149 9.09 26.94 4.26
C LYS B 149 9.21 27.50 2.85
N VAL B 150 10.42 27.72 2.39
CA VAL B 150 10.67 28.23 1.02
C VAL B 150 11.42 27.15 0.25
N TYR B 151 10.95 26.83 -0.95
CA TYR B 151 11.58 25.83 -1.86
C TYR B 151 12.21 26.56 -3.05
N LEU B 152 13.47 26.23 -3.30
CA LEU B 152 14.34 26.83 -4.33
C LEU B 152 14.85 25.70 -5.23
N ASN B 153 15.43 26.07 -6.37
CA ASN B 153 15.72 25.17 -7.48
C ASN B 153 17.23 25.00 -7.65
N PRO B 154 17.85 23.91 -7.15
CA PRO B 154 19.29 23.68 -7.40
C PRO B 154 19.69 23.71 -8.88
N ALA B 155 18.77 23.40 -9.81
CA ALA B 155 19.04 23.24 -11.26
C ALA B 155 18.76 24.55 -12.02
N VAL B 156 18.73 25.67 -11.29
CA VAL B 156 18.42 27.03 -11.81
C VAL B 156 19.47 27.45 -12.86
N GLY B 157 20.69 26.97 -12.72
CA GLY B 157 21.79 27.21 -13.67
C GLY B 157 22.14 25.97 -14.46
N GLY B 158 21.22 25.02 -14.61
CA GLY B 158 21.43 23.72 -15.25
C GLY B 158 21.69 22.61 -14.25
N GLU B 159 21.33 21.37 -14.61
CA GLU B 159 21.48 20.14 -13.77
C GLU B 159 22.96 19.85 -13.45
N GLU B 160 23.90 20.35 -14.26
CA GLU B 160 25.37 20.13 -14.04
C GLU B 160 25.83 20.93 -12.79
N ARG B 161 25.23 22.09 -12.51
CA ARG B 161 25.65 22.97 -11.38
C ARG B 161 24.86 22.65 -10.09
N SER B 162 23.91 21.70 -10.14
CA SER B 162 22.99 21.38 -9.00
C SER B 162 23.82 21.06 -7.75
N ALA B 163 24.69 20.06 -7.81
CA ALA B 163 25.45 19.56 -6.64
C ALA B 163 26.31 20.68 -6.04
N ALA B 164 27.07 21.41 -6.87
CA ALA B 164 27.89 22.59 -6.46
C ALA B 164 27.02 23.62 -5.73
N THR B 165 25.84 23.93 -6.27
CA THR B 165 24.85 24.90 -5.71
C THR B 165 24.41 24.42 -4.32
N VAL B 166 24.01 23.14 -4.22
CA VAL B 166 23.58 22.56 -2.93
C VAL B 166 24.74 22.66 -1.93
N ARG B 167 25.96 22.28 -2.31
CA ARG B 167 27.13 22.33 -1.39
C ARG B 167 27.29 23.76 -0.85
N GLU B 168 27.28 24.75 -1.73
CA GLU B 168 27.49 26.19 -1.36
C GLU B 168 26.38 26.63 -0.41
N ALA B 169 25.12 26.38 -0.77
CA ALA B 169 23.95 26.74 0.05
C ALA B 169 24.14 26.19 1.48
N LEU B 170 24.49 24.91 1.61
CA LEU B 170 24.67 24.30 2.95
C LEU B 170 25.81 25.03 3.67
N ARG B 171 26.91 25.31 2.97
CA ARG B 171 28.09 26.06 3.47
C ARG B 171 27.62 27.38 4.05
N ARG B 172 26.95 28.20 3.24
CA ARG B 172 26.46 29.54 3.65
C ARG B 172 25.50 29.43 4.84
N LEU B 173 24.74 28.33 4.97
CA LEU B 173 23.74 28.17 6.05
C LEU B 173 24.40 27.68 7.36
N GLY B 174 25.71 27.51 7.37
CA GLY B 174 26.52 27.19 8.56
C GLY B 174 26.68 25.71 8.76
N HIS B 175 26.55 24.92 7.70
CA HIS B 175 26.62 23.43 7.73
C HIS B 175 27.94 22.96 7.11
N HIS B 176 28.91 23.86 6.94
CA HIS B 176 30.30 23.55 6.47
C HIS B 176 30.19 22.59 5.27
N GLN B 177 30.76 21.36 5.36
CA GLN B 177 30.81 20.38 4.24
C GLN B 177 29.72 19.29 4.44
N ALA B 178 28.50 19.72 4.76
CA ALA B 178 27.33 18.85 5.04
C ALA B 178 26.96 18.03 3.80
N PHE B 179 27.21 18.56 2.59
CA PHE B 179 26.85 17.93 1.29
C PHE B 179 27.45 16.53 1.21
N ASP B 180 28.64 16.34 1.77
CA ASP B 180 29.40 15.06 1.70
C ASP B 180 28.66 13.96 2.49
N SER B 181 27.82 14.33 3.46
CA SER B 181 27.03 13.39 4.30
C SER B 181 25.90 12.78 3.47
N LEU B 182 25.48 13.44 2.39
CA LEU B 182 24.28 13.07 1.60
C LEU B 182 24.59 11.85 0.76
N PRO B 183 23.61 10.94 0.55
CA PRO B 183 23.74 9.89 -0.44
C PRO B 183 23.69 10.46 -1.86
N GLN B 184 24.01 9.63 -2.85
CA GLN B 184 24.00 10.01 -4.28
C GLN B 184 22.58 9.83 -4.81
N GLY B 185 22.20 10.61 -5.81
CA GLY B 185 20.87 10.52 -6.46
C GLY B 185 20.92 11.03 -7.88
N SER B 186 19.80 10.93 -8.58
CA SER B 186 19.66 11.20 -10.02
C SER B 186 19.61 12.71 -10.27
N GLY B 187 19.27 13.49 -9.25
CA GLY B 187 19.14 14.94 -9.35
C GLY B 187 18.80 15.55 -8.02
N TYR B 188 18.76 16.87 -7.98
CA TYR B 188 18.45 17.66 -6.76
C TYR B 188 17.26 18.56 -7.09
N PRO B 189 16.03 18.04 -6.96
CA PRO B 189 14.84 18.78 -7.35
C PRO B 189 14.59 20.05 -6.53
N PHE B 190 14.96 20.07 -5.23
CA PHE B 190 14.70 21.22 -4.32
C PHE B 190 15.77 21.35 -3.24
N LEU B 191 15.98 22.61 -2.82
CA LEU B 191 16.56 23.00 -1.52
C LEU B 191 15.47 23.80 -0.78
N ALA B 192 15.16 23.43 0.47
CA ALA B 192 14.12 24.13 1.27
C ALA B 192 14.72 24.65 2.58
N LEU B 193 14.18 25.78 3.07
CA LEU B 193 14.57 26.43 4.35
C LEU B 193 13.31 26.66 5.14
N ASP B 194 13.35 26.37 6.42
CA ASP B 194 12.29 26.78 7.38
C ASP B 194 12.59 28.22 7.80
N LEU B 195 11.57 29.07 7.86
CA LEU B 195 11.69 30.46 8.37
C LEU B 195 10.61 30.64 9.44
N GLY B 196 10.77 31.64 10.30
CA GLY B 196 9.75 31.99 11.29
C GLY B 196 10.28 31.91 12.71
N ASN B 197 9.66 32.67 13.61
CA ASN B 197 10.16 32.92 14.98
C ASN B 197 10.09 31.62 15.80
N TRP B 198 9.10 30.76 15.51
CA TRP B 198 8.69 29.59 16.35
C TRP B 198 8.95 28.27 15.61
N THR B 199 9.77 28.31 14.56
CA THR B 199 10.24 27.12 13.81
C THR B 199 11.71 26.87 14.18
N GLU B 200 12.10 25.60 14.31
CA GLU B 200 13.53 25.19 14.36
C GLU B 200 14.17 25.57 13.03
N PRO B 201 15.32 26.30 13.00
CA PRO B 201 16.01 26.53 11.73
C PRO B 201 16.32 25.15 11.11
N ARG B 202 16.07 25.01 9.82
CA ARG B 202 16.13 23.70 9.13
C ARG B 202 16.40 23.92 7.65
N ALA B 203 17.46 23.32 7.14
CA ALA B 203 17.87 23.27 5.72
C ALA B 203 17.56 21.87 5.20
N LYS B 204 16.83 21.75 4.09
CA LYS B 204 16.35 20.43 3.60
C LYS B 204 16.85 20.22 2.18
N VAL B 205 17.54 19.12 1.92
CA VAL B 205 18.00 18.80 0.55
C VAL B 205 17.16 17.65 0.01
N TYR B 206 16.62 17.81 -1.18
CA TYR B 206 15.82 16.78 -1.88
C TYR B 206 16.67 16.13 -2.95
N LEU B 207 16.57 14.80 -3.06
CA LEU B 207 17.23 13.97 -4.07
C LEU B 207 16.17 13.25 -4.90
N ARG B 208 16.31 13.24 -6.22
CA ARG B 208 15.48 12.45 -7.13
C ARG B 208 16.14 11.08 -7.23
N HIS B 209 15.38 9.99 -7.15
CA HIS B 209 15.94 8.60 -7.22
C HIS B 209 15.25 7.88 -8.34
N ASP B 210 15.86 7.89 -9.51
CA ASP B 210 15.29 7.18 -10.68
C ASP B 210 15.35 5.69 -10.38
N ASN B 211 14.30 4.98 -10.72
CA ASN B 211 14.28 3.52 -10.68
C ASN B 211 14.61 3.02 -9.25
N LEU B 212 14.09 3.67 -8.21
CA LEU B 212 14.35 3.26 -6.81
C LEU B 212 13.69 1.91 -6.50
N THR B 213 14.37 1.07 -5.71
CA THR B 213 13.87 -0.22 -5.19
C THR B 213 13.69 -0.15 -3.68
N ALA B 214 12.93 -1.08 -3.14
CA ALA B 214 12.64 -1.16 -1.68
C ALA B 214 13.99 -1.35 -0.92
N GLY B 215 14.87 -2.17 -1.45
CA GLY B 215 16.20 -2.45 -0.86
C GLY B 215 17.03 -1.17 -0.76
N ARG B 216 17.14 -0.44 -1.86
CA ARG B 216 17.92 0.82 -1.89
C ARG B 216 17.24 1.87 -0.99
N ALA B 217 15.92 1.92 -0.95
CA ALA B 217 15.19 2.84 -0.05
C ALA B 217 15.62 2.59 1.41
N ALA B 218 15.60 1.33 1.85
CA ALA B 218 16.06 0.92 3.19
C ALA B 218 17.51 1.39 3.42
N ARG B 219 18.35 1.24 2.40
CA ARG B 219 19.79 1.62 2.49
C ARG B 219 19.92 3.13 2.70
N LEU B 220 19.15 3.95 1.99
CA LEU B 220 19.16 5.43 2.14
C LEU B 220 18.81 5.84 3.60
N SER B 221 17.98 5.04 4.30
CA SER B 221 17.45 5.36 5.65
C SER B 221 18.40 4.89 6.77
N ARG B 222 19.56 4.28 6.44
CA ARG B 222 20.54 3.74 7.44
C ARG B 222 21.44 4.89 7.94
N THR B 223 20.82 5.83 8.67
CA THR B 223 21.44 6.97 9.38
C THR B 223 20.58 7.27 10.62
N ASP B 224 21.12 7.99 11.59
CA ASP B 224 20.38 8.39 12.82
C ASP B 224 19.41 9.52 12.44
N SER B 225 18.41 9.22 11.61
CA SER B 225 17.51 10.25 11.02
C SER B 225 16.03 9.83 11.12
N GLY B 226 15.70 8.82 11.95
CA GLY B 226 14.36 8.63 12.54
C GLY B 226 13.57 7.42 12.02
N LEU B 227 14.10 6.63 11.08
CA LEU B 227 13.35 5.47 10.50
C LEU B 227 14.15 4.18 10.60
N VAL B 228 13.45 3.07 10.85
CA VAL B 228 13.97 1.67 10.79
C VAL B 228 13.97 1.22 9.32
N PRO B 229 15.12 0.75 8.77
CA PRO B 229 15.16 0.20 7.41
C PRO B 229 14.00 -0.75 7.02
N THR B 230 13.60 -1.68 7.91
CA THR B 230 12.51 -2.66 7.64
C THR B 230 11.20 -1.93 7.37
N ALA B 231 10.88 -0.94 8.21
CA ALA B 231 9.70 -0.06 8.07
C ALA B 231 9.76 0.71 6.74
N VAL B 232 10.95 1.16 6.29
CA VAL B 232 11.06 1.93 5.01
C VAL B 232 10.83 0.96 3.86
N GLU B 233 11.38 -0.25 3.93
CA GLU B 233 11.14 -1.26 2.88
C GLU B 233 9.63 -1.53 2.80
N GLY B 234 8.99 -1.70 3.95
CA GLY B 234 7.57 -2.02 4.05
C GLY B 234 6.73 -0.88 3.48
N PHE B 235 7.14 0.35 3.75
CA PHE B 235 6.46 1.57 3.25
C PHE B 235 6.60 1.59 1.72
N PHE B 236 7.83 1.44 1.20
CA PHE B 236 8.06 1.37 -0.27
C PHE B 236 7.07 0.39 -0.90
N ARG B 237 6.96 -0.80 -0.34
CA ARG B 237 6.20 -1.91 -0.95
C ARG B 237 4.72 -1.54 -0.93
N THR B 238 4.21 -1.07 0.20
CA THR B 238 2.78 -0.69 0.36
C THR B 238 2.44 0.41 -0.64
N ALA B 239 3.28 1.43 -0.72
CA ALA B 239 3.01 2.64 -1.54
C ALA B 239 3.15 2.31 -3.03
N ALA B 240 4.14 1.47 -3.40
CA ALA B 240 4.43 1.08 -4.84
C ALA B 240 3.36 0.14 -5.39
N GLY B 241 2.80 -0.73 -4.57
CA GLY B 241 1.77 -1.67 -5.01
C GLY B 241 2.39 -2.90 -5.67
N PRO B 242 1.59 -3.94 -5.94
CA PRO B 242 2.11 -5.24 -6.38
C PRO B 242 2.80 -5.24 -7.76
N GLY B 243 2.44 -4.28 -8.61
CA GLY B 243 3.00 -4.16 -9.97
C GLY B 243 4.45 -3.69 -9.95
N SER B 244 4.85 -2.96 -8.91
CA SER B 244 6.14 -2.20 -8.88
C SER B 244 6.93 -2.46 -7.59
N ASP B 245 6.36 -3.15 -6.60
CA ASP B 245 6.97 -3.22 -5.25
C ASP B 245 8.31 -3.98 -5.33
N ALA B 246 8.49 -4.87 -6.32
CA ALA B 246 9.67 -5.75 -6.47
C ALA B 246 10.60 -5.26 -7.60
N GLY B 247 10.26 -4.16 -8.25
CA GLY B 247 11.10 -3.57 -9.30
C GLY B 247 11.45 -2.15 -8.97
N GLY B 248 11.85 -1.39 -9.98
CA GLY B 248 12.12 0.03 -9.80
C GLY B 248 10.86 0.81 -9.95
N LEU B 249 10.76 1.95 -9.30
CA LEU B 249 9.76 2.95 -9.68
C LEU B 249 10.31 3.69 -10.89
N ASP B 250 10.05 3.13 -12.09
CA ASP B 250 10.71 3.56 -13.36
C ASP B 250 9.76 4.47 -14.16
N GLY B 251 8.57 4.76 -13.63
CA GLY B 251 7.78 5.93 -14.03
C GLY B 251 8.23 7.15 -13.25
N ARG B 252 7.30 8.00 -12.83
CA ARG B 252 7.69 9.19 -12.06
C ARG B 252 8.52 8.69 -10.88
N PRO B 253 9.64 9.34 -10.53
CA PRO B 253 10.54 8.78 -9.54
C PRO B 253 10.18 9.10 -8.10
N ALA B 254 10.67 8.25 -7.21
CA ALA B 254 10.73 8.54 -5.76
C ALA B 254 11.68 9.69 -5.52
N GLN B 255 11.48 10.37 -4.41
CA GLN B 255 12.40 11.40 -3.91
C GLN B 255 12.70 11.12 -2.47
N SER B 256 13.82 11.67 -2.01
CA SER B 256 14.14 11.71 -0.57
C SER B 256 14.45 13.15 -0.16
N CYS B 257 14.27 13.43 1.11
N CYS B 257 14.26 13.44 1.11
CA CYS B 257 14.62 14.70 1.76
CA CYS B 257 14.60 14.72 1.77
C CYS B 257 15.55 14.40 2.93
C CYS B 257 15.53 14.43 2.95
N HIS B 258 16.59 15.22 3.09
CA HIS B 258 17.60 15.12 4.15
C HIS B 258 17.62 16.46 4.89
N SER B 259 17.24 16.45 6.17
CA SER B 259 17.05 17.68 7.01
C SER B 259 18.27 17.87 7.90
N PHE B 260 18.83 19.08 7.87
CA PHE B 260 19.91 19.58 8.77
C PHE B 260 19.29 20.55 9.76
N THR B 261 19.20 20.17 11.03
CA THR B 261 18.41 20.90 12.06
C THR B 261 19.33 21.57 13.10
N ASP B 262 20.46 20.94 13.44
CA ASP B 262 21.40 21.47 14.47
C ASP B 262 22.30 22.50 13.79
N PRO B 263 22.41 23.73 14.36
CA PRO B 263 23.26 24.76 13.78
C PRO B 263 24.72 24.29 13.84
N GLY B 264 25.39 24.25 12.69
CA GLY B 264 26.80 23.84 12.59
C GLY B 264 26.96 22.38 12.19
N ALA B 265 25.87 21.59 12.23
CA ALA B 265 25.86 20.12 11.99
C ALA B 265 26.17 19.84 10.52
N GLU B 266 26.98 18.80 10.26
CA GLU B 266 27.36 18.36 8.89
C GLU B 266 26.63 17.06 8.51
N ARG B 267 25.83 16.50 9.42
CA ARG B 267 25.04 15.27 9.17
C ARG B 267 23.56 15.57 9.38
N PRO B 268 22.66 15.02 8.54
CA PRO B 268 21.22 15.25 8.71
C PRO B 268 20.62 14.49 9.90
N SER B 269 19.59 15.07 10.50
CA SER B 269 18.82 14.51 11.65
C SER B 269 17.45 14.02 11.18
N GLY B 270 17.09 14.28 9.92
CA GLY B 270 15.80 13.85 9.35
C GLY B 270 15.95 13.23 7.98
N PHE B 271 15.08 12.31 7.65
CA PHE B 271 15.06 11.62 6.36
C PHE B 271 13.60 11.37 6.01
N THR B 272 13.16 11.78 4.82
CA THR B 272 11.79 11.48 4.31
C THR B 272 11.89 10.78 2.97
N LEU B 273 11.12 9.70 2.80
CA LEU B 273 10.98 9.07 1.47
C LEU B 273 9.61 9.47 0.90
N TYR B 274 9.59 9.99 -0.33
CA TYR B 274 8.37 10.40 -1.08
C TYR B 274 8.14 9.42 -2.23
N ILE B 275 6.94 8.83 -2.30
CA ILE B 275 6.54 7.93 -3.41
C ILE B 275 5.36 8.57 -4.13
N PRO B 276 5.48 8.87 -5.45
CA PRO B 276 4.39 9.51 -6.19
C PRO B 276 3.33 8.48 -6.56
N VAL B 277 2.55 8.12 -5.58
CA VAL B 277 1.60 6.98 -5.65
C VAL B 277 0.64 7.18 -6.82
N ARG B 278 0.33 8.43 -7.18
CA ARG B 278 -0.62 8.74 -8.31
C ARG B 278 -0.21 8.03 -9.62
N ASP B 279 1.07 7.78 -9.82
CA ASP B 279 1.61 7.17 -11.06
C ASP B 279 1.55 5.63 -11.00
N TYR B 280 1.21 5.04 -9.84
CA TYR B 280 1.36 3.59 -9.59
C TYR B 280 0.03 2.96 -9.09
N VAL B 281 -1.09 3.65 -9.35
CA VAL B 281 -2.45 3.23 -8.94
C VAL B 281 -3.39 3.39 -10.12
N ARG B 282 -4.48 2.65 -10.12
CA ARG B 282 -5.59 2.75 -11.09
C ARG B 282 -6.41 4.01 -10.83
N HIS B 283 -6.54 4.40 -9.57
CA HIS B 283 -7.42 5.51 -9.14
C HIS B 283 -7.19 5.80 -7.67
N ASP B 284 -7.76 6.88 -7.17
CA ASP B 284 -7.52 7.34 -5.80
C ASP B 284 -8.13 6.40 -4.77
N GLY B 285 -9.06 5.51 -5.13
CA GLY B 285 -9.50 4.46 -4.18
C GLY B 285 -8.33 3.57 -3.77
N GLU B 286 -7.52 3.21 -4.74
CA GLU B 286 -6.33 2.37 -4.49
C GLU B 286 -5.31 3.17 -3.68
N ALA B 287 -5.05 4.43 -4.06
CA ALA B 287 -4.05 5.27 -3.35
C ALA B 287 -4.51 5.44 -1.90
N LEU B 288 -5.80 5.58 -1.71
CA LEU B 288 -6.38 5.83 -0.36
C LEU B 288 -6.26 4.55 0.47
N ALA B 289 -6.40 3.39 -0.15
CA ALA B 289 -6.26 2.09 0.52
C ALA B 289 -4.80 1.90 0.94
N ARG B 290 -3.85 2.27 0.07
CA ARG B 290 -2.41 2.13 0.39
C ARG B 290 -2.06 3.11 1.51
N ALA B 291 -2.57 4.34 1.46
CA ALA B 291 -2.33 5.36 2.50
C ALA B 291 -2.87 4.87 3.83
N SER B 292 -4.09 4.34 3.85
CA SER B 292 -4.74 3.79 5.08
C SER B 292 -3.89 2.66 5.67
N THR B 293 -3.41 1.75 4.81
CA THR B 293 -2.53 0.63 5.25
C THR B 293 -1.28 1.21 5.91
N VAL B 294 -0.62 2.20 5.28
CA VAL B 294 0.61 2.79 5.87
C VAL B 294 0.25 3.38 7.24
N LEU B 295 -0.87 4.07 7.33
CA LEU B 295 -1.27 4.69 8.61
C LEU B 295 -1.50 3.60 9.67
N HIS B 296 -2.18 2.50 9.33
CA HIS B 296 -2.43 1.38 10.28
C HIS B 296 -1.08 0.81 10.75
N HIS B 297 -0.16 0.61 9.83
CA HIS B 297 1.17 0.02 10.13
C HIS B 297 1.95 0.92 11.09
N HIS B 298 1.65 2.20 11.12
CA HIS B 298 2.35 3.17 11.99
C HIS B 298 1.46 3.55 13.16
N GLY B 299 0.41 2.77 13.44
CA GLY B 299 -0.45 2.88 14.63
C GLY B 299 -1.29 4.14 14.62
N MET B 300 -1.82 4.53 13.47
CA MET B 300 -2.74 5.68 13.33
C MET B 300 -3.97 5.26 12.53
N ASP B 301 -5.13 5.83 12.83
CA ASP B 301 -6.39 5.54 12.07
C ASP B 301 -6.40 6.45 10.84
N ALA B 302 -7.13 6.09 9.81
CA ALA B 302 -7.13 6.79 8.51
C ALA B 302 -8.39 7.65 8.37
N SER B 303 -9.22 7.75 9.42
CA SER B 303 -10.51 8.48 9.40
C SER B 303 -10.31 9.90 8.87
N VAL B 304 -9.35 10.65 9.40
CA VAL B 304 -9.15 12.08 9.05
C VAL B 304 -8.70 12.19 7.57
N LEU B 305 -7.89 11.26 7.09
CA LEU B 305 -7.51 11.28 5.66
C LEU B 305 -8.74 11.06 4.78
N HIS B 306 -9.62 10.17 5.17
CA HIS B 306 -10.86 9.92 4.38
C HIS B 306 -11.74 11.19 4.37
N ARG B 307 -11.84 11.87 5.49
CA ARG B 307 -12.61 13.13 5.69
C ARG B 307 -12.01 14.19 4.78
N ALA B 308 -10.67 14.24 4.71
CA ALA B 308 -9.88 15.19 3.91
C ALA B 308 -10.20 15.03 2.44
N LEU B 309 -10.24 13.82 1.92
CA LEU B 309 -10.51 13.62 0.47
C LEU B 309 -11.94 14.05 0.19
N ALA B 310 -12.87 13.71 1.09
CA ALA B 310 -14.29 14.10 1.03
C ALA B 310 -14.43 15.61 1.04
N ALA B 311 -13.53 16.34 1.71
CA ALA B 311 -13.56 17.82 1.85
C ALA B 311 -13.03 18.49 0.58
N LEU B 312 -11.99 17.92 -0.03
CA LEU B 312 -11.31 18.50 -1.21
C LEU B 312 -12.20 18.43 -2.43
N THR B 313 -12.93 17.33 -2.60
CA THR B 313 -13.76 17.10 -3.80
C THR B 313 -14.98 16.21 -3.51
N GLU B 314 -16.04 16.37 -4.33
CA GLU B 314 -17.31 15.61 -4.24
C GLU B 314 -17.15 14.24 -4.90
N ARG B 315 -16.17 14.07 -5.79
CA ARG B 315 -16.03 12.80 -6.55
C ARG B 315 -15.66 11.68 -5.56
N ARG B 316 -16.16 10.47 -5.81
CA ARG B 316 -15.64 9.23 -5.21
C ARG B 316 -14.16 9.11 -5.55
N PRO B 317 -13.34 8.59 -4.62
CA PRO B 317 -11.92 8.36 -4.93
C PRO B 317 -11.73 7.52 -6.21
N GLU B 318 -12.59 6.51 -6.42
CA GLU B 318 -12.50 5.54 -7.54
C GLU B 318 -12.63 6.24 -8.91
N ASP B 319 -13.20 7.43 -8.97
CA ASP B 319 -13.63 8.09 -10.25
C ASP B 319 -12.59 9.11 -10.71
N GLY B 320 -11.34 8.93 -10.31
CA GLY B 320 -10.24 9.78 -10.79
C GLY B 320 -8.94 9.32 -10.24
N VAL B 321 -7.85 9.92 -10.69
CA VAL B 321 -6.50 9.62 -10.15
C VAL B 321 -5.77 10.95 -9.99
N GLY B 322 -4.86 11.03 -9.07
CA GLY B 322 -4.04 12.22 -8.89
C GLY B 322 -4.42 13.02 -7.68
N LEU B 323 -5.56 12.72 -7.03
CA LEU B 323 -5.98 13.47 -5.80
C LEU B 323 -4.94 13.25 -4.70
N ILE B 324 -4.55 12.00 -4.46
CA ILE B 324 -3.38 11.68 -3.59
C ILE B 324 -2.15 11.66 -4.49
N ALA B 325 -1.37 12.71 -4.43
CA ALA B 325 -0.26 12.93 -5.39
C ALA B 325 0.96 12.14 -4.95
N TYR B 326 1.25 12.17 -3.65
CA TYR B 326 2.39 11.48 -3.01
C TYR B 326 1.98 10.94 -1.66
N LEU B 327 2.66 9.90 -1.22
CA LEU B 327 2.74 9.49 0.20
C LEU B 327 4.17 9.62 0.64
N ALA B 328 4.38 10.00 1.87
CA ALA B 328 5.73 10.16 2.42
C ALA B 328 5.79 9.49 3.80
N LEU B 329 6.91 8.91 4.10
CA LEU B 329 7.25 8.45 5.44
C LEU B 329 8.42 9.32 5.90
N ALA B 330 8.20 10.05 6.99
CA ALA B 330 9.09 11.13 7.46
C ALA B 330 9.70 10.75 8.81
N GLY B 331 11.02 10.60 8.85
CA GLY B 331 11.80 10.35 10.05
C GLY B 331 12.45 11.62 10.57
N GLN B 332 12.40 11.81 11.88
CA GLN B 332 13.19 12.84 12.60
C GLN B 332 13.80 12.17 13.81
N ARG B 333 15.10 12.34 14.01
CA ARG B 333 15.83 11.79 15.19
C ARG B 333 15.01 12.03 16.46
N ASP B 334 14.78 11.00 17.27
CA ASP B 334 14.18 11.08 18.64
C ASP B 334 12.68 11.31 18.56
N GLN B 335 12.06 11.12 17.38
CA GLN B 335 10.61 11.32 17.16
C GLN B 335 10.07 10.09 16.48
N PRO B 336 8.80 9.69 16.73
CA PRO B 336 8.22 8.55 16.02
C PRO B 336 8.04 8.96 14.57
N PRO B 337 8.03 8.02 13.62
CA PRO B 337 7.81 8.37 12.21
C PRO B 337 6.50 9.12 11.96
N ARG B 338 6.50 10.01 10.96
CA ARG B 338 5.30 10.74 10.47
C ARG B 338 4.87 10.16 9.12
N VAL B 339 3.58 10.13 8.84
CA VAL B 339 3.07 9.77 7.49
C VAL B 339 2.38 10.99 6.88
N THR B 340 2.71 11.34 5.65
CA THR B 340 2.12 12.51 4.97
C THR B 340 1.46 12.11 3.65
N ALA B 341 0.27 12.60 3.45
CA ALA B 341 -0.49 12.53 2.20
C ALA B 341 -0.47 13.92 1.57
N TYR B 342 -0.03 14.01 0.34
CA TYR B 342 -0.05 15.23 -0.50
C TYR B 342 -1.30 15.17 -1.35
N LEU B 343 -2.16 16.16 -1.19
CA LEU B 343 -3.56 16.15 -1.71
C LEU B 343 -3.69 17.23 -2.75
N SER B 344 -4.16 16.86 -3.93
CA SER B 344 -4.22 17.77 -5.09
C SER B 344 -5.49 18.64 -5.00
N SER B 345 -5.40 19.84 -5.51
CA SER B 345 -6.52 20.80 -5.65
C SER B 345 -7.44 20.37 -6.79
N GLU B 346 -6.86 19.98 -7.92
CA GLU B 346 -7.64 19.59 -9.14
C GLU B 346 -8.58 20.76 -9.56
N ALA B 347 -8.09 22.00 -9.51
CA ALA B 347 -8.87 23.20 -9.91
C ALA B 347 -9.15 23.17 -11.43
N TYR B 348 -8.34 22.46 -12.21
CA TYR B 348 -8.41 22.49 -13.70
C TYR B 348 -8.89 21.15 -14.28
N THR B 349 -8.47 20.03 -13.73
CA THR B 349 -8.63 18.71 -14.41
C THR B 349 -8.61 17.58 -13.38
N VAL B 350 -9.60 16.70 -13.44
CA VAL B 350 -9.59 15.36 -12.81
C VAL B 350 -9.12 14.37 -13.87
N ARG B 351 -7.93 13.78 -13.67
CA ARG B 351 -7.36 12.78 -14.60
C ARG B 351 -8.21 11.52 -14.43
N PRO B 352 -8.81 10.98 -15.53
CA PRO B 352 -9.65 9.79 -15.42
C PRO B 352 -8.92 8.59 -14.84
N PRO B 353 -9.65 7.64 -14.21
CA PRO B 353 -9.05 6.41 -13.69
C PRO B 353 -8.52 5.53 -14.84
#